data_6H5W
#
_entry.id   6H5W
#
_cell.length_a   56.596
_cell.length_b   85.126
_cell.length_c   134.264
_cell.angle_alpha   90.00
_cell.angle_beta   90.00
_cell.angle_gamma   90.00
#
_symmetry.space_group_name_H-M   'P 21 21 21'
#
loop_
_entity.id
_entity.type
_entity.pdbx_description
1 polymer 'Angiotensin-converting enzyme'
2 branched 2-acetamido-2-deoxy-beta-D-glucopyranose-(1-4)-2-acetamido-2-deoxy-beta-D-glucopyranose
3 branched beta-D-mannopyranose-(1-4)-2-acetamido-2-deoxy-beta-D-glucopyranose-(1-4)-[alpha-L-fucopyranose-(1-6)]2-acetamido-2-deoxy-beta-D-glucopyranose
4 non-polymer 'ZINC ION'
5 non-polymer 'CHLORIDE ION'
6 non-polymer Omapatrilat
7 non-polymer IMIDAZOLE
8 non-polymer 'BORIC ACID'
9 non-polymer 'HEXAETHYLENE GLYCOL'
10 non-polymer 1,2-ETHANEDIOL
11 water water
#
_entity_poly.entity_id   1
_entity_poly.type   'polypeptide(L)'
_entity_poly.pdbx_seq_one_letter_code
;LVTDEAEASKFVEEYDRTSQVVWNEYAGANWNYNTNITTETSKILLQKNMQIAQHTLKYGTQARKFDVNQLQNTTIKRII
KKVQDLERAALPAQELEEYNKILLDMETTYSVATVCHPQGSCLQLEPDLTNVMATSRKYEDLLWAWEGWRDKAGRAILQF
YPKYVELINQAARLNGYVDAGDSWRSMYETPSLEQDLERLFQELQPLYLNLHAYVRRALHRHYGAQHINLEGPIPAHLLG
NMWAQTWSNIYDLVVPFPSAPSMDTTEAMLKQGWTPRRMFKEADDFFTSLGLLPVPPEFWQKSMLEKPTDGREVVCHASA
WDFYNGKDFRIKQCTTVNLEDLVVAHHEMGHIQYFMQYKDLPVALREGANPGFHEAIGDVLALSVSTPKHLHSLNLLSSE
GGSDEHDINFLMKMALDKIAFIPFSYLVDQWRWRVFDGSITKENYNQEWWSLRLKYQGL(CSO)PPVPRTQGDFDPGAKF
HIPSSVPYIRYFVSFIIQFQFHEALCQAAGHTGPLHKCDIYQSKEAGQRLATAMKLGFSRPWPEAMQLITGQPQMSASAM
LSYFKPLLDWLRTENELHGEKLGWPQYNWTPNSAR
;
_entity_poly.pdbx_strand_id   A
#
loop_
_chem_comp.id
_chem_comp.type
_chem_comp.name
_chem_comp.formula
BMA D-saccharide, beta linking beta-D-mannopyranose 'C6 H12 O6'
BO3 non-polymer 'BORIC ACID' 'B H3 O3'
CL non-polymer 'CHLORIDE ION' 'Cl -1'
EDO non-polymer 1,2-ETHANEDIOL 'C2 H6 O2'
FT8 non-polymer Omapatrilat 'C19 H24 N2 O4 S2'
FUC L-saccharide, alpha linking alpha-L-fucopyranose 'C6 H12 O5'
IMD non-polymer IMIDAZOLE 'C3 H5 N2 1'
NAG D-saccharide, beta linking 2-acetamido-2-deoxy-beta-D-glucopyranose 'C8 H15 N O6'
P6G non-polymer 'HEXAETHYLENE GLYCOL' 'C12 H26 O7'
ZN non-polymer 'ZINC ION' 'Zn 2'
#
# COMPACT_ATOMS: atom_id res chain seq x y z
N ASP A 4 22.11 -1.40 -35.77
CA ASP A 4 21.05 -0.85 -36.59
C ASP A 4 19.75 -0.74 -35.80
N GLU A 5 19.00 0.33 -36.06
CA GLU A 5 17.67 0.49 -35.46
C GLU A 5 16.78 -0.71 -35.76
N ALA A 6 17.01 -1.37 -36.89
CA ALA A 6 16.09 -2.40 -37.35
C ALA A 6 16.25 -3.69 -36.56
N GLU A 7 17.49 -4.10 -36.27
CA GLU A 7 17.70 -5.26 -35.42
C GLU A 7 17.15 -5.02 -34.02
N ALA A 8 17.21 -3.78 -33.53
CA ALA A 8 16.70 -3.50 -32.21
C ALA A 8 15.18 -3.51 -32.17
N SER A 9 14.54 -3.03 -33.23
CA SER A 9 13.09 -3.09 -33.31
C SER A 9 12.61 -4.54 -33.37
N LYS A 10 13.25 -5.37 -34.20
CA LYS A 10 12.91 -6.78 -34.26
C LYS A 10 13.07 -7.46 -32.91
N PHE A 11 14.14 -7.13 -32.20
CA PHE A 11 14.37 -7.72 -30.89
C PHE A 11 13.21 -7.43 -29.95
N VAL A 12 12.76 -6.19 -29.88
CA VAL A 12 11.70 -5.86 -28.94
C VAL A 12 10.39 -6.53 -29.34
N GLU A 13 10.16 -6.70 -30.65
CA GLU A 13 8.95 -7.41 -31.08
C GLU A 13 9.00 -8.87 -30.63
N GLU A 14 10.16 -9.52 -30.75
CA GLU A 14 10.29 -10.90 -30.31
C GLU A 14 10.18 -11.01 -28.80
N TYR A 15 10.80 -10.08 -28.08
CA TYR A 15 10.66 -10.07 -26.63
C TYR A 15 9.21 -9.95 -26.22
N ASP A 16 8.45 -9.07 -26.87
CA ASP A 16 7.06 -8.87 -26.46
C ASP A 16 6.23 -10.14 -26.68
N ARG A 17 6.40 -10.80 -27.82
CA ARG A 17 5.61 -11.98 -28.12
C ARG A 17 5.86 -13.09 -27.12
N THR A 18 7.13 -13.35 -26.85
CA THR A 18 7.50 -14.47 -26.00
C THR A 18 7.23 -14.18 -24.54
N SER A 19 7.46 -12.93 -24.11
CA SER A 19 7.16 -12.54 -22.73
C SER A 19 5.68 -12.69 -22.40
N GLN A 20 4.79 -12.30 -23.32
CA GLN A 20 3.38 -12.47 -23.06
C GLN A 20 3.06 -13.91 -22.67
N VAL A 21 3.63 -14.88 -23.39
CA VAL A 21 3.30 -16.28 -23.15
C VAL A 21 3.87 -16.73 -21.80
N VAL A 22 5.17 -16.46 -21.58
CA VAL A 22 5.83 -16.94 -20.38
C VAL A 22 5.28 -16.25 -19.14
N TRP A 23 5.08 -14.92 -19.22
CA TRP A 23 4.54 -14.22 -18.06
C TRP A 23 3.13 -14.67 -17.73
N ASN A 24 2.34 -14.99 -18.75
CA ASN A 24 0.98 -15.47 -18.48
C ASN A 24 1.01 -16.81 -17.75
N GLU A 25 1.95 -17.69 -18.13
CA GLU A 25 2.07 -18.98 -17.43
C GLU A 25 2.54 -18.79 -16.00
N TYR A 26 3.53 -17.93 -15.80
CA TYR A 26 4.00 -17.70 -14.44
C TYR A 26 2.89 -17.11 -13.58
N ALA A 27 2.17 -16.11 -14.12
CA ALA A 27 1.10 -15.49 -13.35
C ALA A 27 0.05 -16.51 -12.92
N GLY A 28 -0.27 -17.46 -13.81
CA GLY A 28 -1.23 -18.49 -13.45
C GLY A 28 -0.76 -19.36 -12.31
N ALA A 29 0.50 -19.80 -12.37
CA ALA A 29 1.03 -20.64 -11.30
C ALA A 29 1.09 -19.88 -9.98
N ASN A 30 1.47 -18.61 -10.05
CA ASN A 30 1.54 -17.78 -8.85
C ASN A 30 0.14 -17.59 -8.25
N TRP A 31 -0.84 -17.28 -9.09
CA TRP A 31 -2.22 -17.18 -8.62
C TRP A 31 -2.68 -18.48 -7.98
N ASN A 32 -2.36 -19.62 -8.61
CA ASN A 32 -2.86 -20.90 -8.11
C ASN A 32 -2.27 -21.23 -6.75
N TYR A 33 -1.05 -20.77 -6.47
CA TYR A 33 -0.50 -20.94 -5.13
C TYR A 33 -1.11 -19.96 -4.14
N ASN A 34 -1.22 -18.67 -4.52
CA ASN A 34 -1.73 -17.64 -3.64
C ASN A 34 -3.16 -17.91 -3.20
N THR A 35 -3.94 -18.58 -4.06
CA THR A 35 -5.35 -18.90 -3.76
C THR A 35 -5.53 -20.34 -3.31
N ASN A 36 -4.45 -21.07 -3.06
CA ASN A 36 -4.55 -22.49 -2.70
C ASN A 36 -3.16 -22.97 -2.29
N ILE A 37 -2.75 -22.65 -1.07
CA ILE A 37 -1.42 -22.96 -0.59
C ILE A 37 -1.36 -24.45 -0.30
N THR A 38 -0.60 -25.19 -1.11
CA THR A 38 -0.41 -26.63 -0.95
C THR A 38 1.02 -26.96 -1.37
N THR A 39 1.47 -28.16 -0.97
CA THR A 39 2.76 -28.64 -1.43
C THR A 39 2.82 -28.68 -2.95
N GLU A 40 1.76 -29.19 -3.58
CA GLU A 40 1.76 -29.31 -5.04
C GLU A 40 1.83 -27.95 -5.74
N THR A 41 0.99 -26.99 -5.32
CA THR A 41 1.02 -25.70 -6.00
C THR A 41 2.32 -24.96 -5.73
N SER A 42 2.95 -25.19 -4.58
N SER A 42 2.97 -25.20 -4.59
CA SER A 42 4.27 -24.61 -4.33
CA SER A 42 4.27 -24.58 -4.35
C SER A 42 5.30 -25.17 -5.31
C SER A 42 5.33 -25.16 -5.28
N LYS A 43 5.31 -26.49 -5.48
CA LYS A 43 6.29 -27.11 -6.36
C LYS A 43 6.15 -26.61 -7.80
N ILE A 44 4.91 -26.49 -8.28
CA ILE A 44 4.69 -25.98 -9.63
C ILE A 44 5.15 -24.54 -9.74
N LEU A 45 4.85 -23.73 -8.74
CA LEU A 45 5.27 -22.34 -8.75
C LEU A 45 6.79 -22.22 -8.84
N LEU A 46 7.52 -22.99 -8.03
CA LEU A 46 8.98 -22.93 -8.10
C LEU A 46 9.51 -23.39 -9.44
N GLN A 47 8.84 -24.36 -10.08
CA GLN A 47 9.24 -24.78 -11.41
C GLN A 47 9.00 -23.68 -12.43
N LYS A 48 7.83 -23.03 -12.38
CA LYS A 48 7.57 -21.95 -13.32
C LYS A 48 8.53 -20.79 -13.08
N ASN A 49 9.01 -20.64 -11.85
CA ASN A 49 9.99 -19.61 -11.57
C ASN A 49 11.26 -19.84 -12.36
N MET A 50 11.72 -21.08 -12.44
CA MET A 50 12.91 -21.36 -13.22
C MET A 50 12.66 -21.14 -14.72
N GLN A 51 11.43 -21.41 -15.18
CA GLN A 51 11.09 -21.21 -16.58
C GLN A 51 11.12 -19.74 -16.94
N ILE A 52 10.52 -18.88 -16.12
CA ILE A 52 10.55 -17.46 -16.46
C ILE A 52 11.97 -16.91 -16.32
N ALA A 53 12.75 -17.44 -15.38
CA ALA A 53 14.15 -17.01 -15.28
C ALA A 53 14.95 -17.34 -16.54
N GLN A 54 14.70 -18.52 -17.13
N GLN A 54 14.73 -18.54 -17.10
CA GLN A 54 15.41 -18.90 -18.34
CA GLN A 54 15.39 -18.91 -18.35
C GLN A 54 15.08 -17.94 -19.48
C GLN A 54 15.10 -17.89 -19.43
N HIS A 55 13.83 -17.50 -19.56
CA HIS A 55 13.44 -16.53 -20.57
C HIS A 55 14.08 -15.18 -20.29
N THR A 56 14.03 -14.72 -19.04
CA THR A 56 14.64 -13.45 -18.69
C THR A 56 16.13 -13.44 -19.00
N LEU A 57 16.82 -14.54 -18.70
CA LEU A 57 18.25 -14.61 -18.96
C LEU A 57 18.53 -14.61 -20.45
N LYS A 58 17.76 -15.37 -21.23
CA LYS A 58 17.97 -15.42 -22.68
C LYS A 58 17.82 -14.04 -23.32
N TYR A 59 16.71 -13.37 -23.04
CA TYR A 59 16.45 -12.09 -23.69
C TYR A 59 17.27 -10.97 -23.07
N GLY A 60 17.51 -11.02 -21.77
CA GLY A 60 18.37 -10.04 -21.14
C GLY A 60 19.79 -10.08 -21.65
N THR A 61 20.32 -11.29 -21.84
CA THR A 61 21.65 -11.41 -22.40
C THR A 61 21.72 -10.80 -23.80
N GLN A 62 20.69 -11.07 -24.63
N GLN A 62 20.69 -11.01 -24.62
CA GLN A 62 20.62 -10.45 -25.95
CA GLN A 62 20.71 -10.42 -25.95
C GLN A 62 20.57 -8.92 -25.83
C GLN A 62 20.53 -8.90 -25.89
N ALA A 63 19.70 -8.42 -24.96
CA ALA A 63 19.50 -6.98 -24.85
C ALA A 63 20.79 -6.26 -24.49
N ARG A 64 21.63 -6.88 -23.68
CA ARG A 64 22.89 -6.28 -23.26
C ARG A 64 23.91 -6.20 -24.38
N LYS A 65 23.65 -6.86 -25.50
CA LYS A 65 24.50 -6.75 -26.68
C LYS A 65 24.26 -5.46 -27.46
N PHE A 66 23.13 -4.79 -27.24
CA PHE A 66 22.84 -3.51 -27.87
C PHE A 66 23.44 -2.38 -27.05
N ASP A 67 24.18 -1.49 -27.71
CA ASP A 67 24.62 -0.25 -27.09
C ASP A 67 23.46 0.74 -27.21
N VAL A 68 22.70 0.91 -26.13
CA VAL A 68 21.53 1.78 -26.17
C VAL A 68 21.93 3.21 -26.50
N ASN A 69 23.20 3.56 -26.34
CA ASN A 69 23.68 4.88 -26.75
C ASN A 69 23.39 5.11 -28.24
N GLN A 70 23.76 4.14 -29.07
CA GLN A 70 23.61 4.22 -30.53
C GLN A 70 22.15 4.22 -31.00
N LEU A 71 21.19 3.99 -30.12
CA LEU A 71 19.80 3.81 -30.53
C LEU A 71 19.09 5.16 -30.64
N GLN A 72 18.48 5.40 -31.80
CA GLN A 72 17.79 6.66 -32.06
C GLN A 72 16.36 6.65 -31.53
N ASN A 73 15.58 5.61 -31.83
CA ASN A 73 14.19 5.58 -31.39
C ASN A 73 14.14 5.45 -29.88
N THR A 74 13.47 6.40 -29.22
CA THR A 74 13.54 6.46 -27.77
C THR A 74 12.72 5.35 -27.09
N THR A 75 11.60 4.93 -27.70
CA THR A 75 10.78 3.87 -27.10
C THR A 75 11.51 2.54 -27.14
N ILE A 76 12.18 2.25 -28.25
CA ILE A 76 12.98 1.03 -28.37
C ILE A 76 14.13 1.06 -27.37
N LYS A 77 14.86 2.18 -27.33
CA LYS A 77 15.94 2.37 -26.37
C LYS A 77 15.47 2.11 -24.95
N ARG A 78 14.28 2.59 -24.62
CA ARG A 78 13.74 2.47 -23.27
C ARG A 78 13.39 1.03 -22.92
N ILE A 79 12.77 0.31 -23.87
CA ILE A 79 12.45 -1.09 -23.64
C ILE A 79 13.73 -1.90 -23.47
N ILE A 80 14.70 -1.68 -24.35
CA ILE A 80 15.92 -2.47 -24.31
C ILE A 80 16.68 -2.25 -23.01
N LYS A 81 16.81 -0.99 -22.59
CA LYS A 81 17.48 -0.68 -21.32
C LYS A 81 16.86 -1.46 -20.17
N LYS A 82 15.53 -1.53 -20.14
CA LYS A 82 14.81 -2.26 -19.10
C LYS A 82 15.11 -3.76 -19.16
N VAL A 83 15.08 -4.35 -20.37
CA VAL A 83 15.30 -5.79 -20.51
C VAL A 83 16.71 -6.19 -20.14
N GLN A 84 17.65 -5.26 -20.17
CA GLN A 84 19.03 -5.54 -19.75
C GLN A 84 19.13 -5.84 -18.25
N ASP A 85 18.11 -5.52 -17.46
CA ASP A 85 18.09 -5.85 -16.04
C ASP A 85 17.47 -7.24 -15.88
N LEU A 86 18.29 -8.21 -15.49
CA LEU A 86 17.85 -9.59 -15.34
C LEU A 86 17.16 -9.85 -14.02
N GLU A 87 17.23 -8.92 -13.08
CA GLU A 87 16.65 -9.12 -11.75
C GLU A 87 17.29 -10.39 -11.17
N ARG A 88 16.54 -11.27 -10.52
N ARG A 88 16.50 -11.26 -10.54
CA ARG A 88 17.19 -12.40 -9.87
CA ARG A 88 17.03 -12.45 -9.89
C ARG A 88 17.65 -13.47 -10.87
C ARG A 88 17.69 -13.39 -10.88
N ALA A 89 17.27 -13.37 -12.14
CA ALA A 89 17.80 -14.29 -13.14
C ALA A 89 19.26 -14.04 -13.44
N ALA A 90 19.85 -12.95 -12.92
CA ALA A 90 21.30 -12.77 -12.99
C ALA A 90 22.05 -13.72 -12.07
N LEU A 91 21.38 -14.27 -11.04
CA LEU A 91 22.07 -15.11 -10.07
C LEU A 91 22.50 -16.44 -10.70
N PRO A 92 23.60 -17.02 -10.21
CA PRO A 92 23.88 -18.42 -10.57
C PRO A 92 22.72 -19.32 -10.17
N ALA A 93 22.63 -20.47 -10.82
CA ALA A 93 21.45 -21.32 -10.69
C ALA A 93 21.18 -21.70 -9.24
N GLN A 94 22.22 -22.05 -8.49
CA GLN A 94 22.03 -22.49 -7.11
C GLN A 94 21.45 -21.37 -6.26
N GLU A 95 21.99 -20.15 -6.40
CA GLU A 95 21.50 -19.02 -5.61
C GLU A 95 20.12 -18.58 -6.07
N LEU A 96 19.83 -18.70 -7.36
CA LEU A 96 18.48 -18.41 -7.85
C LEU A 96 17.45 -19.34 -7.21
N GLU A 97 17.74 -20.64 -7.19
CA GLU A 97 16.82 -21.59 -6.56
C GLU A 97 16.67 -21.28 -5.08
N GLU A 98 17.77 -20.93 -4.41
CA GLU A 98 17.71 -20.60 -2.99
C GLU A 98 16.86 -19.38 -2.76
N TYR A 99 17.04 -18.33 -3.57
CA TYR A 99 16.25 -17.11 -3.42
C TYR A 99 14.78 -17.39 -3.60
N ASN A 100 14.42 -18.12 -4.66
CA ASN A 100 13.01 -18.40 -4.91
C ASN A 100 12.39 -19.16 -3.75
N LYS A 101 13.13 -20.11 -3.18
CA LYS A 101 12.61 -20.88 -2.05
C LYS A 101 12.45 -20.02 -0.81
N ILE A 102 13.43 -19.15 -0.56
CA ILE A 102 13.37 -18.26 0.61
C ILE A 102 12.17 -17.32 0.49
N LEU A 103 11.97 -16.76 -0.69
CA LEU A 103 10.85 -15.86 -0.87
C LEU A 103 9.53 -16.59 -0.63
N LEU A 104 9.38 -17.80 -1.18
CA LEU A 104 8.15 -18.55 -0.96
C LEU A 104 8.00 -18.94 0.51
N ASP A 105 9.10 -19.31 1.18
CA ASP A 105 9.03 -19.67 2.59
C ASP A 105 8.59 -18.48 3.44
N MET A 106 9.12 -17.29 3.14
CA MET A 106 8.72 -16.10 3.91
C MET A 106 7.25 -15.77 3.68
N GLU A 107 6.84 -15.74 2.42
N GLU A 107 6.81 -15.76 2.42
CA GLU A 107 5.45 -15.43 2.09
CA GLU A 107 5.43 -15.38 2.16
C GLU A 107 4.49 -16.41 2.75
C GLU A 107 4.46 -16.41 2.72
N THR A 108 4.81 -17.70 2.69
CA THR A 108 3.93 -18.71 3.26
C THR A 108 3.86 -18.58 4.77
N THR A 109 5.02 -18.42 5.42
CA THR A 109 5.06 -18.24 6.86
C THR A 109 4.13 -17.12 7.30
N TYR A 110 4.22 -15.96 6.64
CA TYR A 110 3.37 -14.84 7.02
C TYR A 110 1.89 -15.18 6.85
N SER A 111 1.54 -15.82 5.74
CA SER A 111 0.14 -15.98 5.38
C SER A 111 -0.56 -17.11 6.12
N VAL A 112 0.16 -18.02 6.77
CA VAL A 112 -0.45 -19.10 7.54
C VAL A 112 -0.27 -18.96 9.04
N ALA A 113 0.43 -17.94 9.51
CA ALA A 113 0.66 -17.76 10.95
C ALA A 113 -0.65 -17.54 11.69
N THR A 114 -0.76 -18.12 12.88
CA THR A 114 -1.91 -17.89 13.74
C THR A 114 -1.44 -17.61 15.17
N VAL A 115 -2.35 -17.02 15.93
CA VAL A 115 -2.10 -16.69 17.33
C VAL A 115 -3.18 -17.38 18.16
N CYS A 116 -2.77 -18.25 19.09
CA CYS A 116 -3.68 -19.16 19.77
C CYS A 116 -3.78 -18.85 21.26
N HIS A 117 -5.02 -18.92 21.79
CA HIS A 117 -5.22 -18.91 23.23
C HIS A 117 -4.91 -20.28 23.80
N PRO A 118 -4.49 -20.35 25.06
CA PRO A 118 -4.18 -21.66 25.67
C PRO A 118 -5.41 -22.54 25.69
N GLN A 119 -5.30 -23.71 25.08
CA GLN A 119 -6.43 -24.63 24.99
C GLN A 119 -7.69 -23.89 24.54
N GLY A 120 -7.51 -23.04 23.52
CA GLY A 120 -8.59 -22.21 23.01
C GLY A 120 -8.53 -22.05 21.50
N SER A 121 -9.19 -21.02 20.99
CA SER A 121 -9.25 -20.83 19.54
C SER A 121 -7.96 -20.20 19.03
N CYS A 122 -7.66 -20.48 17.76
CA CYS A 122 -6.52 -19.90 17.08
C CYS A 122 -7.03 -18.85 16.10
N LEU A 123 -6.42 -17.68 16.14
CA LEU A 123 -6.87 -16.54 15.35
C LEU A 123 -5.94 -16.30 14.17
N GLN A 124 -6.51 -16.09 13.00
CA GLN A 124 -5.76 -15.64 11.85
C GLN A 124 -5.75 -14.12 11.78
N LEU A 125 -4.81 -13.58 10.98
CA LEU A 125 -4.71 -12.13 10.87
C LEU A 125 -5.97 -11.54 10.26
N GLU A 126 -6.43 -12.10 9.15
CA GLU A 126 -7.65 -11.68 8.50
C GLU A 126 -8.66 -12.80 8.60
N PRO A 127 -9.82 -12.61 9.23
CA PRO A 127 -10.32 -11.35 9.80
C PRO A 127 -10.05 -11.17 11.30
N ASP A 128 -9.58 -12.20 11.98
CA ASP A 128 -9.75 -12.27 13.44
C ASP A 128 -8.92 -11.20 14.16
N LEU A 129 -7.61 -11.20 13.94
CA LEU A 129 -6.76 -10.23 14.64
C LEU A 129 -7.03 -8.82 14.18
N THR A 130 -7.32 -8.64 12.88
CA THR A 130 -7.70 -7.33 12.37
C THR A 130 -8.90 -6.78 13.12
N ASN A 131 -9.90 -7.64 13.35
N ASN A 131 -9.90 -7.64 13.37
CA ASN A 131 -11.09 -7.25 14.08
CA ASN A 131 -11.09 -7.19 14.09
C ASN A 131 -10.77 -6.88 15.53
C ASN A 131 -10.79 -6.89 15.55
N VAL A 132 -9.92 -7.67 16.20
CA VAL A 132 -9.55 -7.35 17.59
C VAL A 132 -8.91 -5.97 17.65
N MET A 133 -7.95 -5.71 16.74
CA MET A 133 -7.26 -4.43 16.79
C MET A 133 -8.22 -3.28 16.52
N ALA A 134 -9.20 -3.49 15.64
CA ALA A 134 -10.14 -2.43 15.27
C ALA A 134 -11.16 -2.13 16.36
N THR A 135 -11.62 -3.14 17.12
CA THR A 135 -12.80 -2.98 17.97
C THR A 135 -12.54 -3.12 19.46
N SER A 136 -11.50 -3.84 19.88
CA SER A 136 -11.25 -3.97 21.31
C SER A 136 -10.82 -2.64 21.89
N ARG A 137 -11.28 -2.36 23.10
CA ARG A 137 -10.93 -1.14 23.81
C ARG A 137 -10.33 -1.47 25.18
N LYS A 138 -9.77 -2.66 25.28
CA LYS A 138 -9.13 -3.14 26.51
C LYS A 138 -7.64 -3.31 26.24
N TYR A 139 -6.83 -2.56 27.01
CA TYR A 139 -5.39 -2.52 26.81
C TYR A 139 -4.77 -3.91 26.71
N GLU A 140 -5.14 -4.81 27.62
CA GLU A 140 -4.51 -6.12 27.69
C GLU A 140 -4.93 -7.02 26.54
N ASP A 141 -6.16 -6.87 26.04
CA ASP A 141 -6.59 -7.70 24.91
C ASP A 141 -5.91 -7.25 23.62
N LEU A 142 -5.79 -5.93 23.45
CA LEU A 142 -5.05 -5.40 22.31
C LEU A 142 -3.58 -5.82 22.40
N LEU A 143 -3.00 -5.82 23.61
CA LEU A 143 -1.61 -6.23 23.76
C LEU A 143 -1.44 -7.69 23.38
N TRP A 144 -2.38 -8.55 23.77
CA TRP A 144 -2.27 -9.96 23.44
C TRP A 144 -2.20 -10.16 21.94
N ALA A 145 -3.06 -9.46 21.19
CA ALA A 145 -3.06 -9.61 19.73
C ALA A 145 -1.81 -9.01 19.10
N TRP A 146 -1.39 -7.83 19.58
CA TRP A 146 -0.24 -7.13 19.02
C TRP A 146 1.05 -7.91 19.24
N GLU A 147 1.28 -8.34 20.49
CA GLU A 147 2.47 -9.10 20.80
C GLU A 147 2.40 -10.48 20.18
N GLY A 148 1.24 -11.11 20.22
CA GLY A 148 1.12 -12.46 19.70
C GLY A 148 1.42 -12.54 18.21
N TRP A 149 0.92 -11.57 17.45
CA TRP A 149 1.19 -11.54 16.02
C TRP A 149 2.69 -11.39 15.74
N ARG A 150 3.36 -10.52 16.48
CA ARG A 150 4.80 -10.36 16.28
C ARG A 150 5.56 -11.63 16.70
N ASP A 151 5.13 -12.27 17.78
CA ASP A 151 5.79 -13.48 18.26
C ASP A 151 5.69 -14.61 17.24
N LYS A 152 4.53 -14.73 16.58
CA LYS A 152 4.29 -15.84 15.67
C LYS A 152 4.73 -15.53 14.24
N ALA A 153 4.41 -14.35 13.72
CA ALA A 153 4.77 -14.03 12.34
C ALA A 153 6.16 -13.41 12.24
N GLY A 154 6.42 -12.38 13.04
CA GLY A 154 7.70 -11.68 12.93
C GLY A 154 8.89 -12.56 13.28
N ARG A 155 8.85 -13.18 14.46
CA ARG A 155 9.99 -13.99 14.89
C ARG A 155 10.29 -15.12 13.92
N ALA A 156 9.26 -15.64 13.24
CA ALA A 156 9.43 -16.75 12.33
C ALA A 156 10.05 -16.34 10.99
N ILE A 157 10.04 -15.05 10.66
CA ILE A 157 10.66 -14.57 9.44
C ILE A 157 12.16 -14.35 9.62
N LEU A 158 12.60 -14.14 10.86
CA LEU A 158 13.99 -13.74 11.08
C LEU A 158 14.96 -14.74 10.51
N GLN A 159 14.67 -16.04 10.61
CA GLN A 159 15.63 -17.03 10.14
C GLN A 159 15.93 -16.90 8.65
N PHE A 160 15.02 -16.31 7.88
CA PHE A 160 15.18 -16.18 6.44
C PHE A 160 15.77 -14.85 6.00
N TYR A 161 15.60 -13.78 6.82
CA TYR A 161 15.79 -12.43 6.28
C TYR A 161 17.25 -12.15 5.88
N PRO A 162 18.25 -12.54 6.68
CA PRO A 162 19.63 -12.19 6.27
C PRO A 162 20.03 -12.80 4.95
N LYS A 163 19.61 -14.03 4.67
CA LYS A 163 19.97 -14.64 3.40
C LYS A 163 19.20 -14.01 2.24
N TYR A 164 17.93 -13.65 2.47
CA TYR A 164 17.17 -12.88 1.49
C TYR A 164 17.91 -11.59 1.14
N VAL A 165 18.39 -10.85 2.15
CA VAL A 165 19.09 -9.60 1.89
C VAL A 165 20.34 -9.87 1.05
N GLU A 166 21.13 -10.88 1.44
CA GLU A 166 22.34 -11.21 0.70
C GLU A 166 22.03 -11.47 -0.77
N LEU A 167 21.00 -12.27 -1.05
CA LEU A 167 20.72 -12.69 -2.42
C LEU A 167 20.10 -11.58 -3.26
N ILE A 168 19.16 -10.81 -2.70
CA ILE A 168 18.57 -9.72 -3.47
C ILE A 168 19.62 -8.65 -3.75
N ASN A 169 20.53 -8.41 -2.80
CA ASN A 169 21.62 -7.48 -3.07
C ASN A 169 22.58 -8.04 -4.13
N GLN A 170 22.89 -9.34 -4.07
CA GLN A 170 23.81 -9.90 -5.04
C GLN A 170 23.25 -9.76 -6.45
N ALA A 171 21.95 -10.02 -6.61
CA ALA A 171 21.34 -9.85 -7.91
C ALA A 171 21.42 -8.40 -8.36
N ALA A 172 21.13 -7.47 -7.44
CA ALA A 172 21.18 -6.05 -7.79
C ALA A 172 22.57 -5.65 -8.30
N ARG A 173 23.62 -6.12 -7.64
CA ARG A 173 24.97 -5.77 -8.08
C ARG A 173 25.27 -6.38 -9.45
N LEU A 174 24.81 -7.61 -9.70
CA LEU A 174 25.00 -8.21 -11.01
C LEU A 174 24.26 -7.47 -12.11
N ASN A 175 23.27 -6.64 -11.77
CA ASN A 175 22.56 -5.84 -12.77
C ASN A 175 22.99 -4.39 -12.78
N GLY A 176 24.08 -4.06 -12.09
CA GLY A 176 24.70 -2.75 -12.19
C GLY A 176 24.32 -1.75 -11.13
N TYR A 177 23.55 -2.15 -10.13
CA TYR A 177 23.21 -1.30 -8.99
C TYR A 177 24.18 -1.57 -7.85
N VAL A 178 24.15 -0.71 -6.81
CA VAL A 178 25.05 -0.96 -5.68
C VAL A 178 24.42 -1.88 -4.63
N ASP A 179 23.09 -1.92 -4.56
CA ASP A 179 22.35 -2.78 -3.65
C ASP A 179 20.88 -2.76 -4.10
N ALA A 180 20.06 -3.59 -3.44
CA ALA A 180 18.66 -3.73 -3.84
C ALA A 180 17.86 -2.45 -3.63
N GLY A 181 18.19 -1.66 -2.61
CA GLY A 181 17.50 -0.38 -2.42
C GLY A 181 17.74 0.61 -3.55
N ASP A 182 18.98 0.65 -4.04
CA ASP A 182 19.31 1.43 -5.25
C ASP A 182 18.45 0.99 -6.42
N SER A 183 18.34 -0.32 -6.63
N SER A 183 18.28 -0.33 -6.60
CA SER A 183 17.48 -0.85 -7.68
CA SER A 183 17.48 -0.79 -7.74
C SER A 183 16.05 -0.35 -7.52
C SER A 183 16.00 -0.45 -7.55
N TRP A 184 15.49 -0.49 -6.32
CA TRP A 184 14.10 -0.11 -6.08
C TRP A 184 13.88 1.38 -6.36
N ARG A 185 14.76 2.23 -5.83
CA ARG A 185 14.60 3.67 -6.02
C ARG A 185 14.66 4.05 -7.49
N SER A 186 15.40 3.29 -8.30
CA SER A 186 15.55 3.59 -9.71
C SER A 186 14.23 3.52 -10.47
N MET A 187 13.21 2.83 -9.93
CA MET A 187 11.92 2.75 -10.59
C MET A 187 11.30 4.12 -10.82
N TYR A 188 11.68 5.12 -10.02
CA TYR A 188 11.15 6.45 -10.15
C TYR A 188 11.89 7.31 -11.16
N GLU A 189 13.07 6.88 -11.64
CA GLU A 189 13.86 7.64 -12.60
C GLU A 189 13.99 9.10 -12.18
N THR A 190 14.24 9.32 -10.89
CA THR A 190 14.25 10.66 -10.32
C THR A 190 15.48 10.80 -9.43
N PRO A 191 16.57 11.37 -9.93
CA PRO A 191 17.78 11.49 -9.13
C PRO A 191 17.58 12.17 -7.79
N SER A 192 16.65 13.14 -7.71
CA SER A 192 16.41 13.87 -6.48
C SER A 192 15.40 13.20 -5.56
N LEU A 193 15.08 11.91 -5.79
CA LEU A 193 14.00 11.25 -5.07
C LEU A 193 14.12 11.43 -3.55
N GLU A 194 15.28 11.12 -2.97
CA GLU A 194 15.36 11.12 -1.52
C GLU A 194 15.09 12.51 -0.95
N GLN A 195 15.66 13.54 -1.57
CA GLN A 195 15.43 14.92 -1.13
C GLN A 195 13.97 15.31 -1.33
N ASP A 196 13.38 14.93 -2.46
CA ASP A 196 11.99 15.30 -2.72
C ASP A 196 11.06 14.69 -1.69
N LEU A 197 11.27 13.43 -1.34
CA LEU A 197 10.41 12.76 -0.37
C LEU A 197 10.57 13.37 1.01
N GLU A 198 11.80 13.69 1.41
CA GLU A 198 12.05 14.35 2.69
C GLU A 198 11.34 15.69 2.78
N ARG A 199 11.39 16.49 1.72
CA ARG A 199 10.71 17.80 1.73
C ARG A 199 9.19 17.62 1.87
N LEU A 200 8.61 16.63 1.18
CA LEU A 200 7.18 16.37 1.29
C LEU A 200 6.82 15.92 2.70
N PHE A 201 7.65 15.06 3.30
CA PHE A 201 7.41 14.63 4.66
C PHE A 201 7.41 15.82 5.60
N GLN A 202 8.37 16.72 5.43
CA GLN A 202 8.47 17.86 6.34
C GLN A 202 7.25 18.77 6.20
N GLU A 203 6.69 18.91 5.00
CA GLU A 203 5.53 19.77 4.83
C GLU A 203 4.31 19.24 5.57
N LEU A 204 4.25 17.92 5.78
CA LEU A 204 3.11 17.31 6.45
C LEU A 204 3.28 17.23 7.97
N GLN A 205 4.40 17.73 8.49
CA GLN A 205 4.65 17.65 9.94
C GLN A 205 3.66 18.43 10.77
N PRO A 206 3.35 19.69 10.46
CA PRO A 206 2.36 20.40 11.28
C PRO A 206 1.09 19.62 11.46
N LEU A 207 0.53 19.10 10.37
CA LEU A 207 -0.70 18.32 10.48
C LEU A 207 -0.48 17.06 11.31
N TYR A 208 0.58 16.29 11.03
CA TYR A 208 0.76 15.04 11.76
C TYR A 208 0.99 15.30 13.25
N LEU A 209 1.85 16.26 13.60
CA LEU A 209 2.11 16.48 15.01
C LEU A 209 0.86 16.93 15.75
N ASN A 210 0.04 17.76 15.12
CA ASN A 210 -1.21 18.19 15.76
C ASN A 210 -2.20 17.05 15.90
N LEU A 211 -2.30 16.21 14.87
CA LEU A 211 -3.18 15.04 14.96
C LEU A 211 -2.71 14.10 16.06
N HIS A 212 -1.41 13.81 16.08
CA HIS A 212 -0.83 12.94 17.10
C HIS A 212 -1.12 13.44 18.50
N ALA A 213 -0.92 14.75 18.75
CA ALA A 213 -1.15 15.27 20.11
C ALA A 213 -2.62 15.15 20.51
N TYR A 214 -3.52 15.41 19.57
CA TYR A 214 -4.95 15.33 19.86
C TYR A 214 -5.38 13.89 20.15
N VAL A 215 -4.91 12.93 19.35
CA VAL A 215 -5.21 11.52 19.59
C VAL A 215 -4.61 11.05 20.90
N ARG A 216 -3.36 11.47 21.18
CA ARG A 216 -2.72 11.09 22.44
C ARG A 216 -3.56 11.53 23.64
N ARG A 217 -4.07 12.78 23.60
CA ARG A 217 -4.94 13.26 24.66
C ARG A 217 -6.18 12.39 24.81
N ALA A 218 -6.78 11.99 23.69
CA ALA A 218 -7.98 11.17 23.77
C ALA A 218 -7.67 9.79 24.32
N LEU A 219 -6.52 9.23 23.95
CA LEU A 219 -6.12 7.93 24.50
C LEU A 219 -5.87 8.03 25.99
N HIS A 220 -5.29 9.15 26.44
CA HIS A 220 -5.10 9.40 27.86
C HIS A 220 -6.43 9.33 28.60
N ARG A 221 -7.48 9.91 28.00
CA ARG A 221 -8.80 9.92 28.62
C ARG A 221 -9.37 8.52 28.74
N HIS A 222 -9.21 7.69 27.72
CA HIS A 222 -9.79 6.35 27.74
C HIS A 222 -8.93 5.33 28.49
N TYR A 223 -7.63 5.27 28.20
CA TYR A 223 -6.76 4.21 28.73
C TYR A 223 -6.13 4.55 30.07
N GLY A 224 -6.18 5.82 30.49
CA GLY A 224 -5.77 6.19 31.83
C GLY A 224 -4.44 6.91 31.84
N ALA A 225 -4.31 7.86 32.77
CA ALA A 225 -3.10 8.66 32.89
C ALA A 225 -1.88 7.82 33.19
N GLN A 226 -2.04 6.67 33.87
CA GLN A 226 -0.89 5.81 34.16
C GLN A 226 -0.36 5.10 32.94
N HIS A 227 -1.06 5.16 31.80
CA HIS A 227 -0.68 4.42 30.60
C HIS A 227 -0.39 5.27 29.39
N ILE A 228 -0.54 6.59 29.48
CA ILE A 228 -0.30 7.51 28.37
C ILE A 228 0.48 8.68 28.94
N ASN A 229 1.66 8.92 28.39
CA ASN A 229 2.46 10.11 28.72
C ASN A 229 2.12 11.20 27.72
N LEU A 230 1.55 12.31 28.21
CA LEU A 230 1.13 13.40 27.35
C LEU A 230 2.28 14.12 26.67
N GLU A 231 3.53 13.83 27.03
CA GLU A 231 4.69 14.40 26.38
C GLU A 231 5.56 13.34 25.73
N GLY A 232 5.05 12.13 25.57
CA GLY A 232 5.83 11.04 25.02
C GLY A 232 5.16 10.37 23.84
N PRO A 233 5.81 9.33 23.33
CA PRO A 233 5.25 8.57 22.21
C PRO A 233 4.04 7.75 22.67
N ILE A 234 3.20 7.40 21.70
CA ILE A 234 1.97 6.66 21.94
C ILE A 234 2.25 5.17 21.87
N PRO A 235 1.71 4.34 22.77
CA PRO A 235 1.89 2.89 22.66
C PRO A 235 1.26 2.38 21.35
N ALA A 236 2.00 1.52 20.66
CA ALA A 236 1.72 1.18 19.27
C ALA A 236 0.54 0.25 19.05
N HIS A 237 -0.08 -0.29 20.10
CA HIS A 237 -1.21 -1.19 19.97
C HIS A 237 -2.57 -0.52 20.15
N LEU A 238 -2.63 0.80 20.30
CA LEU A 238 -3.85 1.49 20.69
C LEU A 238 -4.54 2.25 19.55
N LEU A 239 -4.08 2.10 18.31
CA LEU A 239 -4.52 2.95 17.22
C LEU A 239 -5.51 2.28 16.25
N GLY A 240 -6.00 1.07 16.56
CA GLY A 240 -7.09 0.47 15.81
C GLY A 240 -6.65 -0.42 14.67
N ASN A 241 -5.34 -0.58 14.49
CA ASN A 241 -4.73 -1.23 13.34
C ASN A 241 -3.47 -1.93 13.82
N MET A 242 -3.19 -3.10 13.26
CA MET A 242 -2.09 -3.92 13.75
C MET A 242 -0.75 -3.20 13.69
N TRP A 243 -0.55 -2.31 12.71
CA TRP A 243 0.72 -1.61 12.49
C TRP A 243 0.65 -0.14 12.90
N ALA A 244 -0.47 0.31 13.43
CA ALA A 244 -0.69 1.73 13.72
C ALA A 244 -0.40 2.59 12.51
N GLN A 245 -0.72 2.07 11.32
CA GLN A 245 -0.42 2.78 10.09
C GLN A 245 -1.57 3.68 9.65
N THR A 246 -2.78 3.33 10.06
CA THR A 246 -3.99 4.08 9.84
C THR A 246 -4.79 3.96 11.14
N TRP A 247 -5.42 5.08 11.56
CA TRP A 247 -5.98 5.19 12.89
C TRP A 247 -7.50 5.34 12.89
N SER A 248 -8.17 5.23 11.74
CA SER A 248 -9.58 5.63 11.76
C SER A 248 -10.50 4.69 12.55
N ASN A 249 -10.06 3.47 12.90
CA ASN A 249 -10.89 2.58 13.68
C ASN A 249 -11.07 3.05 15.12
N ILE A 250 -10.26 3.99 15.59
CA ILE A 250 -10.47 4.58 16.91
C ILE A 250 -11.21 5.93 16.82
N TYR A 251 -11.90 6.17 15.71
CA TYR A 251 -12.73 7.36 15.59
C TYR A 251 -13.64 7.55 16.80
N ASP A 252 -14.22 6.45 17.31
CA ASP A 252 -15.11 6.51 18.46
C ASP A 252 -14.46 7.15 19.69
N LEU A 253 -13.15 6.97 19.85
CA LEU A 253 -12.43 7.54 20.98
C LEU A 253 -12.06 9.00 20.80
N VAL A 254 -12.09 9.51 19.56
CA VAL A 254 -11.50 10.83 19.28
C VAL A 254 -12.46 11.78 18.58
N VAL A 255 -13.73 11.39 18.46
N VAL A 255 -13.72 11.40 18.46
CA VAL A 255 -14.74 12.20 17.77
CA VAL A 255 -14.67 12.18 17.66
C VAL A 255 -14.60 13.66 18.17
C VAL A 255 -14.73 13.64 18.11
N PRO A 256 -14.41 14.60 17.23
CA PRO A 256 -14.38 16.02 17.65
C PRO A 256 -15.67 16.52 18.25
N PHE A 257 -16.80 16.14 17.66
CA PHE A 257 -18.11 16.62 18.09
C PHE A 257 -19.02 15.42 18.32
N PRO A 258 -19.00 14.86 19.53
CA PRO A 258 -19.86 13.71 19.84
C PRO A 258 -21.34 13.99 19.68
N SER A 259 -21.76 15.25 19.69
CA SER A 259 -23.17 15.57 19.51
C SER A 259 -23.61 15.49 18.07
N ALA A 260 -22.68 15.21 17.15
CA ALA A 260 -22.98 15.00 15.72
C ALA A 260 -22.53 13.59 15.35
N PRO A 261 -23.21 12.58 15.89
CA PRO A 261 -22.81 11.20 15.59
C PRO A 261 -23.12 10.80 14.17
N SER A 262 -22.45 9.74 13.73
CA SER A 262 -22.62 9.17 12.41
C SER A 262 -23.19 7.77 12.53
N MET A 263 -24.01 7.40 11.55
N MET A 263 -23.99 7.38 11.53
CA MET A 263 -24.53 6.05 11.50
CA MET A 263 -24.57 6.05 11.45
C MET A 263 -23.39 5.05 11.56
C MET A 263 -23.48 4.98 11.40
N ASP A 264 -23.68 3.89 12.15
CA ASP A 264 -22.73 2.78 12.15
C ASP A 264 -22.74 2.17 10.75
N THR A 265 -21.65 2.40 10.01
CA THR A 265 -21.60 2.02 8.60
C THR A 265 -21.51 0.51 8.40
N THR A 266 -20.86 -0.21 9.32
CA THR A 266 -20.80 -1.67 9.19
C THR A 266 -22.19 -2.27 9.33
N GLU A 267 -22.92 -1.86 10.38
CA GLU A 267 -24.29 -2.35 10.57
C GLU A 267 -25.19 -1.93 9.43
N ALA A 268 -24.99 -0.74 8.87
CA ALA A 268 -25.84 -0.33 7.74
C ALA A 268 -25.56 -1.19 6.52
N MET A 269 -24.28 -1.47 6.24
CA MET A 269 -23.96 -2.35 5.11
C MET A 269 -24.55 -3.75 5.32
N LEU A 270 -24.42 -4.30 6.53
CA LEU A 270 -24.94 -5.63 6.80
C LEU A 270 -26.46 -5.66 6.73
N LYS A 271 -27.13 -4.70 7.38
CA LYS A 271 -28.59 -4.68 7.38
C LYS A 271 -29.16 -4.53 5.98
N GLN A 272 -28.41 -3.89 5.08
CA GLN A 272 -28.89 -3.68 3.72
C GLN A 272 -28.35 -4.70 2.75
N GLY A 273 -27.78 -5.79 3.27
CA GLY A 273 -27.45 -6.92 2.44
C GLY A 273 -26.25 -6.74 1.55
N TRP A 274 -25.34 -5.83 1.88
CA TRP A 274 -24.11 -5.72 1.12
C TRP A 274 -23.29 -7.00 1.27
N THR A 275 -22.64 -7.38 0.17
CA THR A 275 -21.74 -8.51 0.10
C THR A 275 -20.43 -8.03 -0.53
N PRO A 276 -19.38 -8.84 -0.46
CA PRO A 276 -18.17 -8.49 -1.23
C PRO A 276 -18.42 -8.21 -2.70
N ARG A 277 -19.21 -9.04 -3.38
N ARG A 277 -19.21 -9.04 -3.38
CA ARG A 277 -19.49 -8.78 -4.79
CA ARG A 277 -19.50 -8.79 -4.80
C ARG A 277 -20.14 -7.41 -5.00
C ARG A 277 -20.14 -7.42 -5.01
N ARG A 278 -21.08 -7.04 -4.14
CA ARG A 278 -21.71 -5.72 -4.25
C ARG A 278 -20.67 -4.61 -4.11
N MET A 279 -19.71 -4.79 -3.21
CA MET A 279 -18.68 -3.76 -2.99
C MET A 279 -17.87 -3.52 -4.24
N PHE A 280 -17.42 -4.59 -4.89
CA PHE A 280 -16.70 -4.46 -6.15
C PHE A 280 -17.59 -3.95 -7.27
N LYS A 281 -18.87 -4.32 -7.29
CA LYS A 281 -19.77 -3.79 -8.31
C LYS A 281 -19.94 -2.28 -8.17
N GLU A 282 -20.01 -1.78 -6.94
CA GLU A 282 -20.13 -0.34 -6.75
C GLU A 282 -18.87 0.37 -7.22
N ALA A 283 -17.69 -0.18 -6.94
CA ALA A 283 -16.45 0.39 -7.46
C ALA A 283 -16.45 0.39 -8.99
N ASP A 284 -16.84 -0.73 -9.60
CA ASP A 284 -16.95 -0.80 -11.06
C ASP A 284 -17.86 0.33 -11.58
N ASP A 285 -19.00 0.53 -10.92
CA ASP A 285 -19.93 1.59 -11.35
C ASP A 285 -19.29 2.97 -11.26
N PHE A 286 -18.46 3.21 -10.25
CA PHE A 286 -17.83 4.52 -10.17
C PHE A 286 -16.88 4.73 -11.35
N PHE A 287 -16.07 3.71 -11.67
CA PHE A 287 -15.17 3.83 -12.83
C PHE A 287 -15.96 4.10 -14.11
N THR A 288 -17.01 3.31 -14.37
CA THR A 288 -17.75 3.53 -15.62
C THR A 288 -18.51 4.85 -15.62
N SER A 289 -18.90 5.35 -14.45
CA SER A 289 -19.53 6.67 -14.38
C SER A 289 -18.62 7.76 -14.89
N LEU A 290 -17.31 7.56 -14.77
CA LEU A 290 -16.34 8.52 -15.30
C LEU A 290 -16.06 8.32 -16.79
N GLY A 291 -16.74 7.39 -17.44
CA GLY A 291 -16.41 7.01 -18.80
C GLY A 291 -15.24 6.07 -18.93
N LEU A 292 -14.75 5.52 -17.81
CA LEU A 292 -13.64 4.58 -17.82
C LEU A 292 -14.18 3.17 -18.09
N LEU A 293 -13.26 2.18 -18.18
CA LEU A 293 -13.63 0.86 -18.68
C LEU A 293 -14.27 0.01 -17.59
N PRO A 294 -15.27 -0.80 -17.95
CA PRO A 294 -15.78 -1.82 -17.02
C PRO A 294 -14.80 -2.97 -16.96
N VAL A 295 -14.78 -3.67 -15.83
CA VAL A 295 -13.98 -4.89 -15.76
C VAL A 295 -14.64 -5.94 -16.66
N PRO A 296 -13.87 -6.84 -17.26
CA PRO A 296 -14.46 -7.81 -18.20
C PRO A 296 -15.29 -8.85 -17.47
N PRO A 297 -16.21 -9.51 -18.18
CA PRO A 297 -16.94 -10.62 -17.55
C PRO A 297 -16.04 -11.64 -16.87
N GLU A 298 -14.88 -11.92 -17.46
CA GLU A 298 -13.96 -12.93 -16.93
C GLU A 298 -13.50 -12.58 -15.51
N PHE A 299 -13.36 -11.29 -15.21
CA PHE A 299 -12.96 -10.85 -13.88
C PHE A 299 -13.90 -11.39 -12.81
N TRP A 300 -15.22 -11.34 -13.08
CA TRP A 300 -16.18 -11.80 -12.10
C TRP A 300 -16.16 -13.32 -11.94
N GLN A 301 -15.77 -14.06 -12.99
N GLN A 301 -15.80 -14.05 -13.00
CA GLN A 301 -15.74 -15.51 -12.87
CA GLN A 301 -15.73 -15.51 -12.93
C GLN A 301 -14.45 -16.02 -12.24
C GLN A 301 -14.48 -15.96 -12.17
N LYS A 302 -13.34 -15.30 -12.39
CA LYS A 302 -12.05 -15.79 -11.94
C LYS A 302 -11.52 -15.17 -10.67
N SER A 303 -12.03 -14.02 -10.22
CA SER A 303 -11.45 -13.37 -9.06
C SER A 303 -11.82 -14.13 -7.77
N MET A 304 -11.04 -13.87 -6.71
CA MET A 304 -11.32 -14.41 -5.39
C MET A 304 -11.64 -13.20 -4.52
N LEU A 305 -12.93 -12.93 -4.33
CA LEU A 305 -13.38 -11.69 -3.69
C LEU A 305 -13.75 -11.89 -2.22
N GLU A 306 -13.63 -13.11 -1.71
CA GLU A 306 -13.83 -13.39 -0.30
C GLU A 306 -12.97 -14.59 0.07
N LYS A 307 -12.68 -14.71 1.35
CA LYS A 307 -11.90 -15.85 1.82
C LYS A 307 -12.66 -17.14 1.54
N PRO A 308 -12.00 -18.17 0.99
CA PRO A 308 -12.69 -19.44 0.75
C PRO A 308 -13.16 -20.09 2.04
N THR A 309 -14.29 -20.77 1.96
CA THR A 309 -14.84 -21.51 3.09
C THR A 309 -14.63 -23.01 2.96
N ASP A 310 -13.93 -23.45 1.91
CA ASP A 310 -13.88 -24.85 1.49
C ASP A 310 -12.67 -25.60 2.02
N GLY A 311 -11.93 -25.03 2.96
CA GLY A 311 -10.73 -25.66 3.47
C GLY A 311 -9.43 -25.23 2.82
N ARG A 312 -9.45 -24.42 1.77
CA ARG A 312 -8.21 -23.90 1.21
C ARG A 312 -7.58 -22.88 2.15
N GLU A 313 -6.25 -22.89 2.22
CA GLU A 313 -5.47 -21.81 2.81
C GLU A 313 -5.02 -20.88 1.68
N VAL A 314 -5.08 -19.57 1.94
CA VAL A 314 -4.79 -18.59 0.90
C VAL A 314 -3.94 -17.47 1.49
N VAL A 315 -3.34 -16.70 0.59
CA VAL A 315 -2.73 -15.41 0.93
C VAL A 315 -3.87 -14.39 0.92
N CYS A 316 -4.27 -13.91 2.10
N CYS A 316 -4.22 -13.87 2.10
CA CYS A 316 -5.41 -12.99 2.14
CA CYS A 316 -5.37 -13.00 2.25
C CYS A 316 -5.07 -11.57 1.70
C CYS A 316 -5.09 -11.55 1.82
N HIS A 317 -3.84 -11.11 1.90
CA HIS A 317 -3.52 -9.71 1.68
C HIS A 317 -3.99 -9.25 0.30
N ALA A 318 -4.79 -8.19 0.27
CA ALA A 318 -5.48 -7.81 -0.95
C ALA A 318 -4.49 -7.44 -2.05
N SER A 319 -4.75 -7.92 -3.27
CA SER A 319 -3.87 -7.61 -4.40
C SER A 319 -4.60 -7.79 -5.73
N ALA A 320 -4.03 -7.16 -6.75
CA ALA A 320 -4.57 -7.12 -8.11
C ALA A 320 -3.57 -7.74 -9.06
N TRP A 321 -4.08 -8.47 -10.06
CA TRP A 321 -3.28 -9.34 -10.89
C TRP A 321 -3.55 -9.13 -12.38
N ASP A 322 -2.47 -8.92 -13.12
CA ASP A 322 -2.50 -8.81 -14.58
C ASP A 322 -1.90 -10.09 -15.12
N PHE A 323 -2.64 -10.80 -15.99
CA PHE A 323 -2.16 -12.06 -16.55
C PHE A 323 -1.50 -11.89 -17.90
N TYR A 324 -1.29 -10.65 -18.34
CA TYR A 324 -0.42 -10.30 -19.46
C TYR A 324 -0.93 -10.86 -20.78
N ASN A 325 -2.24 -10.97 -20.91
CA ASN A 325 -2.86 -11.34 -22.18
C ASN A 325 -3.89 -10.31 -22.67
N GLY A 326 -4.01 -9.18 -21.98
CA GLY A 326 -4.95 -8.16 -22.39
C GLY A 326 -6.40 -8.45 -22.08
N LYS A 327 -6.70 -9.56 -21.41
CA LYS A 327 -8.08 -10.00 -21.21
C LYS A 327 -8.37 -10.43 -19.78
N ASP A 328 -7.40 -11.05 -19.13
CA ASP A 328 -7.58 -11.71 -17.84
C ASP A 328 -6.93 -10.85 -16.75
N PHE A 329 -7.77 -10.25 -15.91
CA PHE A 329 -7.36 -9.40 -14.79
C PHE A 329 -8.16 -9.84 -13.58
N ARG A 330 -7.54 -9.92 -12.40
CA ARG A 330 -8.22 -10.47 -11.24
C ARG A 330 -7.82 -9.74 -9.97
N ILE A 331 -8.73 -9.74 -8.99
CA ILE A 331 -8.45 -9.32 -7.62
C ILE A 331 -8.54 -10.54 -6.70
N LYS A 332 -7.63 -10.61 -5.74
CA LYS A 332 -7.61 -11.61 -4.67
C LYS A 332 -7.65 -10.85 -3.35
N GLN A 333 -8.81 -10.86 -2.68
CA GLN A 333 -9.00 -10.13 -1.44
C GLN A 333 -9.95 -10.91 -0.54
N CYS A 334 -9.58 -11.04 0.74
CA CYS A 334 -10.44 -11.66 1.75
C CYS A 334 -11.35 -10.57 2.35
N THR A 335 -12.30 -10.17 1.53
CA THR A 335 -13.10 -8.98 1.79
C THR A 335 -14.04 -9.20 2.96
N THR A 336 -14.06 -8.23 3.86
CA THR A 336 -15.03 -8.13 4.95
C THR A 336 -16.00 -7.02 4.60
N VAL A 337 -17.25 -7.17 5.01
CA VAL A 337 -18.27 -6.20 4.68
C VAL A 337 -18.20 -5.05 5.68
N ASN A 338 -17.42 -4.03 5.34
CA ASN A 338 -17.31 -2.80 6.12
C ASN A 338 -16.75 -1.71 5.22
N LEU A 339 -16.74 -0.48 5.75
CA LEU A 339 -16.35 0.67 4.95
C LEU A 339 -14.85 0.66 4.65
N GLU A 340 -14.03 0.25 5.62
CA GLU A 340 -12.60 0.16 5.41
C GLU A 340 -12.29 -0.73 4.19
N ASP A 341 -12.93 -1.89 4.10
CA ASP A 341 -12.69 -2.78 2.97
C ASP A 341 -13.36 -2.32 1.69
N LEU A 342 -14.41 -1.51 1.77
CA LEU A 342 -14.92 -0.85 0.57
C LEU A 342 -13.87 0.07 -0.04
N VAL A 343 -13.14 0.80 0.81
CA VAL A 343 -12.04 1.63 0.31
C VAL A 343 -10.96 0.75 -0.32
N VAL A 344 -10.59 -0.34 0.34
CA VAL A 344 -9.59 -1.25 -0.25
C VAL A 344 -10.07 -1.81 -1.58
N ALA A 345 -11.35 -2.15 -1.68
CA ALA A 345 -11.87 -2.67 -2.95
C ALA A 345 -11.68 -1.66 -4.07
N HIS A 346 -11.88 -0.36 -3.77
CA HIS A 346 -11.62 0.68 -4.75
C HIS A 346 -10.13 0.76 -5.10
N HIS A 347 -9.26 0.73 -4.08
CA HIS A 347 -7.82 0.68 -4.32
C HIS A 347 -7.49 -0.43 -5.32
N GLU A 348 -8.01 -1.63 -5.10
CA GLU A 348 -7.67 -2.75 -5.97
C GLU A 348 -8.27 -2.59 -7.36
N MET A 349 -9.50 -2.06 -7.43
CA MET A 349 -10.13 -1.83 -8.74
C MET A 349 -9.37 -0.78 -9.56
N GLY A 350 -8.69 0.15 -8.90
CA GLY A 350 -7.85 1.09 -9.62
C GLY A 350 -6.70 0.42 -10.34
N HIS A 351 -6.10 -0.61 -9.72
CA HIS A 351 -5.09 -1.39 -10.42
C HIS A 351 -5.67 -2.04 -11.67
N ILE A 352 -6.86 -2.64 -11.55
CA ILE A 352 -7.46 -3.29 -12.72
C ILE A 352 -7.70 -2.27 -13.84
N GLN A 353 -8.16 -1.08 -13.47
CA GLN A 353 -8.37 -0.04 -14.47
C GLN A 353 -7.06 0.26 -15.19
N TYR A 354 -5.98 0.45 -14.44
CA TYR A 354 -4.69 0.74 -15.05
C TYR A 354 -4.27 -0.37 -16.00
N PHE A 355 -4.44 -1.64 -15.57
CA PHE A 355 -4.10 -2.78 -16.43
C PHE A 355 -4.85 -2.70 -17.75
N MET A 356 -6.14 -2.36 -17.68
CA MET A 356 -6.93 -2.31 -18.91
C MET A 356 -6.54 -1.13 -19.78
N GLN A 357 -6.18 -0.01 -19.16
CA GLN A 357 -5.82 1.19 -19.91
C GLN A 357 -4.53 1.01 -20.70
N TYR A 358 -3.54 0.29 -20.14
CA TYR A 358 -2.26 0.14 -20.83
C TYR A 358 -2.07 -1.23 -21.50
N LYS A 359 -3.16 -1.99 -21.66
CA LYS A 359 -3.05 -3.37 -22.13
C LYS A 359 -2.50 -3.50 -23.54
N ASP A 360 -2.52 -2.45 -24.35
CA ASP A 360 -2.03 -2.54 -25.72
C ASP A 360 -0.61 -2.03 -25.88
N LEU A 361 0.05 -1.64 -24.78
CA LEU A 361 1.47 -1.32 -24.84
C LEU A 361 2.29 -2.60 -24.83
N PRO A 362 3.54 -2.53 -25.29
CA PRO A 362 4.46 -3.66 -25.07
C PRO A 362 4.52 -4.01 -23.60
N VAL A 363 4.66 -5.32 -23.29
CA VAL A 363 4.59 -5.74 -21.89
C VAL A 363 5.62 -5.02 -21.03
N ALA A 364 6.79 -4.73 -21.59
CA ALA A 364 7.85 -4.04 -20.84
C ALA A 364 7.41 -2.67 -20.35
N LEU A 365 6.41 -2.07 -21.00
CA LEU A 365 5.90 -0.76 -20.59
C LEU A 365 4.55 -0.83 -19.88
N ARG A 366 4.07 -2.04 -19.56
CA ARG A 366 2.80 -2.24 -18.83
C ARG A 366 3.05 -2.13 -17.33
N GLU A 367 3.30 -0.89 -16.89
CA GLU A 367 3.44 -0.54 -15.49
C GLU A 367 2.94 0.90 -15.33
N GLY A 368 2.75 1.32 -14.09
CA GLY A 368 2.34 2.70 -13.86
C GLY A 368 3.45 3.68 -14.22
N ALA A 369 3.08 4.96 -14.35
CA ALA A 369 4.08 5.96 -14.68
C ALA A 369 5.23 5.90 -13.68
N ASN A 370 4.90 5.72 -12.40
CA ASN A 370 5.81 5.22 -11.38
C ASN A 370 4.96 4.40 -10.43
N PRO A 371 5.57 3.65 -9.51
CA PRO A 371 4.75 2.74 -8.69
C PRO A 371 3.73 3.46 -7.83
N GLY A 372 4.00 4.71 -7.44
CA GLY A 372 3.02 5.48 -6.70
C GLY A 372 1.75 5.75 -7.49
N PHE A 373 1.88 6.06 -8.78
CA PHE A 373 0.70 6.24 -9.63
C PHE A 373 -0.19 5.00 -9.63
N HIS A 374 0.40 3.81 -9.71
CA HIS A 374 -0.42 2.59 -9.70
C HIS A 374 -1.22 2.46 -8.42
N GLU A 375 -0.58 2.70 -7.28
CA GLU A 375 -1.28 2.59 -6.01
C GLU A 375 -2.30 3.71 -5.78
N ALA A 376 -2.24 4.80 -6.54
CA ALA A 376 -3.07 5.97 -6.27
C ALA A 376 -4.44 5.94 -6.92
N ILE A 377 -4.61 5.30 -8.08
CA ILE A 377 -5.80 5.56 -8.90
C ILE A 377 -7.08 5.23 -8.15
N GLY A 378 -7.18 4.03 -7.59
CA GLY A 378 -8.40 3.64 -6.90
C GLY A 378 -8.67 4.49 -5.67
N ASP A 379 -7.60 4.87 -4.95
CA ASP A 379 -7.74 5.72 -3.77
C ASP A 379 -8.34 7.08 -4.13
N VAL A 380 -8.02 7.61 -5.32
CA VAL A 380 -8.62 8.85 -5.78
C VAL A 380 -10.12 8.72 -5.84
N LEU A 381 -10.62 7.68 -6.49
CA LEU A 381 -12.07 7.54 -6.58
C LEU A 381 -12.66 7.33 -5.18
N ALA A 382 -11.98 6.57 -4.33
CA ALA A 382 -12.46 6.34 -2.98
C ALA A 382 -12.53 7.62 -2.15
N LEU A 383 -11.73 8.66 -2.46
CA LEU A 383 -11.92 9.94 -1.77
C LEU A 383 -13.32 10.49 -1.99
N SER A 384 -13.82 10.39 -3.23
CA SER A 384 -15.18 10.84 -3.51
C SER A 384 -16.23 9.94 -2.88
N VAL A 385 -16.02 8.61 -2.95
CA VAL A 385 -16.97 7.67 -2.35
C VAL A 385 -17.13 7.95 -0.87
N SER A 386 -16.03 8.32 -0.21
CA SER A 386 -15.95 8.50 1.24
C SER A 386 -16.64 9.78 1.73
N THR A 387 -17.00 10.71 0.84
CA THR A 387 -17.66 11.93 1.29
C THR A 387 -19.00 11.59 1.94
N PRO A 388 -19.40 12.34 2.96
CA PRO A 388 -20.69 12.05 3.58
C PRO A 388 -21.86 12.12 2.61
N LYS A 389 -21.81 13.04 1.64
CA LYS A 389 -22.86 13.12 0.64
C LYS A 389 -22.96 11.82 -0.15
N HIS A 390 -21.82 11.28 -0.59
CA HIS A 390 -21.86 10.05 -1.36
C HIS A 390 -22.29 8.86 -0.51
N LEU A 391 -21.76 8.74 0.71
CA LEU A 391 -22.14 7.62 1.57
C LEU A 391 -23.62 7.68 1.92
N HIS A 392 -24.17 8.88 2.08
CA HIS A 392 -25.61 8.99 2.26
C HIS A 392 -26.38 8.49 1.04
N SER A 393 -25.87 8.78 -0.17
N SER A 393 -25.87 8.78 -0.17
CA SER A 393 -26.51 8.28 -1.38
CA SER A 393 -26.54 8.28 -1.36
C SER A 393 -26.52 6.76 -1.44
C SER A 393 -26.49 6.76 -1.48
N LEU A 394 -25.55 6.12 -0.79
CA LEU A 394 -25.49 4.66 -0.71
C LEU A 394 -26.29 4.14 0.47
N ASN A 395 -26.96 5.02 1.20
CA ASN A 395 -27.73 4.70 2.40
C ASN A 395 -26.86 4.15 3.54
N LEU A 396 -25.60 4.59 3.61
CA LEU A 396 -24.69 4.13 4.66
C LEU A 396 -24.44 5.18 5.73
N LEU A 397 -24.82 6.41 5.48
CA LEU A 397 -24.85 7.46 6.48
C LEU A 397 -26.20 8.17 6.38
N SER A 398 -26.57 8.85 7.45
CA SER A 398 -27.70 9.76 7.36
C SER A 398 -27.23 11.05 6.68
N SER A 399 -28.14 11.99 6.48
CA SER A 399 -27.74 13.30 5.98
C SER A 399 -26.89 14.00 7.02
N GLU A 400 -25.70 14.45 6.60
CA GLU A 400 -24.77 15.14 7.49
C GLU A 400 -24.40 16.54 6.98
N GLY A 401 -25.03 17.00 5.90
CA GLY A 401 -24.70 18.29 5.36
C GLY A 401 -25.22 19.43 6.22
N GLY A 402 -24.74 20.63 5.91
CA GLY A 402 -25.21 21.81 6.60
C GLY A 402 -24.82 21.86 8.06
N SER A 403 -23.72 21.23 8.43
CA SER A 403 -23.32 21.13 9.83
C SER A 403 -21.81 21.25 9.93
N ASP A 404 -21.34 22.34 10.55
N ASP A 404 -21.33 22.32 10.55
CA ASP A 404 -19.91 22.50 10.80
CA ASP A 404 -19.89 22.48 10.75
C ASP A 404 -19.37 21.36 11.64
C ASP A 404 -19.34 21.38 11.67
N GLU A 405 -20.14 20.92 12.63
CA GLU A 405 -19.71 19.82 13.49
C GLU A 405 -19.50 18.54 12.68
N HIS A 406 -20.46 18.19 11.83
CA HIS A 406 -20.28 17.02 10.97
C HIS A 406 -19.10 17.22 10.02
N ASP A 407 -18.86 18.45 9.58
CA ASP A 407 -17.76 18.71 8.65
C ASP A 407 -16.40 18.42 9.28
N ILE A 408 -16.16 18.93 10.48
CA ILE A 408 -14.90 18.66 11.18
C ILE A 408 -14.78 17.20 11.54
N ASN A 409 -15.88 16.57 11.96
CA ASN A 409 -15.87 15.13 12.23
C ASN A 409 -15.40 14.34 11.02
N PHE A 410 -15.94 14.67 9.83
CA PHE A 410 -15.54 13.97 8.61
C PHE A 410 -14.06 14.18 8.32
N LEU A 411 -13.59 15.42 8.39
CA LEU A 411 -12.18 15.67 8.16
C LEU A 411 -11.31 14.87 9.14
N MET A 412 -11.74 14.76 10.40
CA MET A 412 -10.97 13.94 11.35
C MET A 412 -10.96 12.48 10.93
N LYS A 413 -12.11 11.94 10.54
CA LYS A 413 -12.15 10.56 10.07
C LYS A 413 -11.16 10.34 8.94
N MET A 414 -11.12 11.26 7.98
CA MET A 414 -10.18 11.15 6.87
C MET A 414 -8.73 11.31 7.32
N ALA A 415 -8.45 12.27 8.22
CA ALA A 415 -7.07 12.48 8.64
C ALA A 415 -6.52 11.28 9.38
N LEU A 416 -7.37 10.62 10.18
CA LEU A 416 -6.92 9.47 10.96
C LEU A 416 -6.34 8.38 10.05
N ASP A 417 -6.81 8.29 8.81
CA ASP A 417 -6.17 7.38 7.87
C ASP A 417 -5.08 8.05 7.03
N LYS A 418 -5.42 9.15 6.38
CA LYS A 418 -4.54 9.69 5.34
C LYS A 418 -3.33 10.42 5.91
N ILE A 419 -3.50 11.15 7.01
CA ILE A 419 -2.37 11.86 7.61
C ILE A 419 -1.54 10.93 8.48
N ALA A 420 -2.19 10.08 9.29
CA ALA A 420 -1.41 9.19 10.14
C ALA A 420 -0.51 8.26 9.33
N PHE A 421 -0.91 7.91 8.11
CA PHE A 421 -0.15 7.01 7.26
C PHE A 421 1.13 7.63 6.70
N ILE A 422 1.19 8.95 6.61
CA ILE A 422 2.37 9.60 6.02
C ILE A 422 3.66 9.18 6.71
N PRO A 423 3.82 9.30 8.02
CA PRO A 423 5.10 8.91 8.61
C PRO A 423 5.35 7.42 8.55
N PHE A 424 4.32 6.58 8.67
CA PHE A 424 4.53 5.15 8.56
C PHE A 424 5.06 4.77 7.18
N SER A 425 4.41 5.28 6.14
CA SER A 425 4.80 4.94 4.79
C SER A 425 6.17 5.48 4.43
N TYR A 426 6.60 6.57 5.08
CA TYR A 426 7.93 7.10 4.86
C TYR A 426 8.97 6.19 5.48
N LEU A 427 8.70 5.66 6.68
CA LEU A 427 9.77 4.99 7.42
C LEU A 427 10.07 3.57 6.95
N VAL A 428 9.11 2.86 6.34
CA VAL A 428 9.31 1.45 6.05
C VAL A 428 10.55 1.24 5.17
N ASP A 429 10.63 1.96 4.05
CA ASP A 429 11.80 1.82 3.18
C ASP A 429 12.99 2.66 3.62
N GLN A 430 12.83 3.64 4.52
CA GLN A 430 14.03 4.18 5.16
C GLN A 430 14.77 3.06 5.89
N TRP A 431 14.03 2.18 6.57
CA TRP A 431 14.63 1.02 7.22
C TRP A 431 15.19 0.05 6.18
N ARG A 432 14.39 -0.35 5.19
CA ARG A 432 14.87 -1.33 4.22
C ARG A 432 16.05 -0.82 3.39
N TRP A 433 16.04 0.45 2.98
CA TRP A 433 17.18 0.95 2.21
C TRP A 433 18.47 0.82 2.99
N ARG A 434 18.41 1.04 4.32
CA ARG A 434 19.60 0.92 5.16
C ARG A 434 19.96 -0.52 5.49
N VAL A 435 18.97 -1.43 5.51
CA VAL A 435 19.30 -2.86 5.52
C VAL A 435 20.04 -3.23 4.25
N PHE A 436 19.49 -2.83 3.11
CA PHE A 436 20.09 -3.20 1.83
C PHE A 436 21.48 -2.61 1.66
N ASP A 437 21.69 -1.35 2.08
CA ASP A 437 23.01 -0.73 1.94
C ASP A 437 24.00 -1.14 3.02
N GLY A 438 23.60 -1.99 3.96
CA GLY A 438 24.50 -2.53 4.95
C GLY A 438 24.66 -1.70 6.20
N SER A 439 23.97 -0.56 6.29
CA SER A 439 24.02 0.32 7.46
C SER A 439 23.34 -0.29 8.69
N ILE A 440 22.37 -1.16 8.47
CA ILE A 440 21.66 -1.89 9.51
C ILE A 440 21.97 -3.36 9.29
N THR A 441 22.57 -4.01 10.29
CA THR A 441 22.86 -5.44 10.20
C THR A 441 21.81 -6.25 10.94
N LYS A 442 21.89 -7.59 10.81
CA LYS A 442 20.93 -8.43 11.52
C LYS A 442 21.01 -8.24 13.04
N GLU A 443 22.17 -7.80 13.56
N GLU A 443 22.16 -7.75 13.55
CA GLU A 443 22.28 -7.51 14.98
CA GLU A 443 22.32 -7.54 14.97
C GLU A 443 21.31 -6.42 15.40
C GLU A 443 21.52 -6.35 15.50
N ASN A 444 21.03 -5.48 14.52
N ASN A 444 21.00 -5.48 14.62
CA ASN A 444 20.31 -4.25 14.88
CA ASN A 444 20.17 -4.37 15.08
C ASN A 444 19.01 -4.06 14.12
C ASN A 444 19.02 -4.06 14.12
N TYR A 445 18.55 -5.05 13.37
CA TYR A 445 17.31 -4.90 12.60
C TYR A 445 16.21 -4.26 13.44
N ASN A 446 15.93 -4.87 14.58
CA ASN A 446 14.72 -4.51 15.30
C ASN A 446 14.88 -3.20 16.05
N GLN A 447 16.06 -2.98 16.63
N GLN A 447 16.06 -2.98 16.66
CA GLN A 447 16.32 -1.72 17.32
CA GLN A 447 16.30 -1.70 17.33
C GLN A 447 16.22 -0.54 16.36
C GLN A 447 16.18 -0.55 16.34
N GLU A 448 16.73 -0.70 15.14
CA GLU A 448 16.68 0.38 14.18
C GLU A 448 15.28 0.62 13.65
N TRP A 449 14.47 -0.44 13.52
CA TRP A 449 13.05 -0.27 13.19
C TRP A 449 12.35 0.59 14.22
N TRP A 450 12.55 0.28 15.50
CA TRP A 450 11.87 1.02 16.55
C TRP A 450 12.42 2.44 16.69
N SER A 451 13.70 2.66 16.41
N SER A 451 13.70 2.66 16.41
CA SER A 451 14.21 4.03 16.38
CA SER A 451 14.22 4.01 16.37
C SER A 451 13.47 4.87 15.34
C SER A 451 13.47 4.87 15.34
N LEU A 452 13.14 4.27 14.19
CA LEU A 452 12.39 4.99 13.17
C LEU A 452 10.92 5.15 13.53
N ARG A 453 10.31 4.13 14.12
CA ARG A 453 8.92 4.23 14.59
C ARG A 453 8.78 5.37 15.58
N LEU A 454 9.78 5.54 16.45
CA LEU A 454 9.82 6.68 17.34
C LEU A 454 10.05 7.99 16.58
N LYS A 455 11.11 8.05 15.77
CA LYS A 455 11.51 9.31 15.14
C LYS A 455 10.41 9.87 14.24
N TYR A 456 9.78 9.02 13.46
CA TYR A 456 8.82 9.48 12.46
C TYR A 456 7.36 9.44 12.95
N GLN A 457 6.94 8.34 13.58
CA GLN A 457 5.55 8.23 14.02
C GLN A 457 5.31 8.64 15.46
N GLY A 458 6.36 8.75 16.28
CA GLY A 458 6.09 9.05 17.68
C GLY A 458 5.37 7.93 18.38
N LEU A 459 5.75 6.68 18.08
CA LEU A 459 5.19 5.50 18.72
C LEU A 459 6.25 4.75 19.49
N CSO A 460 5.82 4.04 20.53
CA CSO A 460 6.69 3.15 21.29
CB CSO A 460 6.98 3.69 22.70
SG CSO A 460 5.48 4.01 23.69
C CSO A 460 6.06 1.76 21.37
O CSO A 460 4.84 1.62 21.29
OD CSO A 460 4.99 2.48 24.50
HA CSO A 460 7.56 3.10 20.83
HB2 CSO A 460 7.46 4.53 22.62
HB3 CSO A 460 7.53 3.04 23.18
HD CSO A 460 5.51 1.74 24.15
N PRO A 461 6.88 0.72 21.56
CA PRO A 461 6.25 -0.60 21.68
C PRO A 461 5.67 -0.76 23.09
N PRO A 462 4.50 -1.39 23.24
CA PRO A 462 3.94 -1.53 24.59
C PRO A 462 4.72 -2.48 25.46
N VAL A 463 5.46 -3.41 24.86
CA VAL A 463 6.27 -4.40 25.57
C VAL A 463 7.68 -4.26 25.05
N PRO A 464 8.69 -4.14 25.90
CA PRO A 464 10.07 -4.01 25.42
C PRO A 464 10.44 -5.19 24.52
N ARG A 465 11.12 -4.88 23.43
CA ARG A 465 11.49 -5.94 22.50
C ARG A 465 12.69 -6.71 23.04
N THR A 466 12.79 -7.96 22.61
CA THR A 466 13.84 -8.85 23.09
C THR A 466 14.61 -9.36 21.90
N GLN A 467 15.82 -9.84 22.15
CA GLN A 467 16.62 -10.36 21.06
C GLN A 467 15.90 -11.57 20.47
N GLY A 468 15.85 -11.63 19.15
CA GLY A 468 15.04 -12.60 18.46
C GLY A 468 13.75 -12.04 17.88
N ASP A 469 13.28 -10.89 18.38
CA ASP A 469 12.15 -10.24 17.75
C ASP A 469 12.56 -9.72 16.38
N PHE A 470 11.62 -9.76 15.45
CA PHE A 470 11.81 -9.20 14.12
C PHE A 470 10.46 -8.62 13.69
N ASP A 471 10.11 -7.50 14.32
CA ASP A 471 8.80 -6.90 14.11
C ASP A 471 8.55 -6.51 12.65
N PRO A 472 9.54 -6.09 11.85
CA PRO A 472 9.26 -5.84 10.43
C PRO A 472 8.69 -7.06 9.71
N GLY A 473 9.06 -8.26 10.12
CA GLY A 473 8.53 -9.46 9.49
C GLY A 473 7.04 -9.65 9.66
N ALA A 474 6.45 -8.96 10.62
CA ALA A 474 5.02 -9.04 10.88
C ALA A 474 4.19 -8.09 10.02
N LYS A 475 4.82 -7.40 9.07
CA LYS A 475 4.15 -6.54 8.11
C LYS A 475 4.30 -7.15 6.72
N PHE A 476 3.17 -7.36 6.03
CA PHE A 476 3.12 -8.17 4.80
C PHE A 476 4.25 -7.86 3.82
N HIS A 477 4.51 -6.59 3.55
CA HIS A 477 5.39 -6.21 2.46
C HIS A 477 6.84 -6.60 2.69
N ILE A 478 7.22 -6.88 3.94
N ILE A 478 7.23 -6.88 3.94
CA ILE A 478 8.60 -7.23 4.27
CA ILE A 478 8.61 -7.24 4.25
C ILE A 478 8.87 -8.67 3.80
C ILE A 478 8.87 -8.68 3.80
N PRO A 479 8.16 -9.69 4.30
CA PRO A 479 8.39 -11.06 3.79
C PRO A 479 8.04 -11.24 2.32
N SER A 480 7.16 -10.39 1.76
CA SER A 480 6.79 -10.52 0.35
C SER A 480 7.66 -9.69 -0.58
N SER A 481 8.62 -8.94 -0.05
CA SER A 481 9.54 -8.15 -0.86
C SER A 481 8.79 -7.21 -1.81
N VAL A 482 7.82 -6.49 -1.27
CA VAL A 482 7.07 -5.48 -2.01
C VAL A 482 7.53 -4.11 -1.53
N PRO A 483 8.11 -3.26 -2.39
CA PRO A 483 8.54 -1.93 -1.93
C PRO A 483 7.37 -1.15 -1.34
N TYR A 484 7.72 -0.21 -0.44
CA TYR A 484 6.72 0.54 0.31
C TYR A 484 6.66 2.03 0.00
N ILE A 485 7.73 2.66 -0.51
CA ILE A 485 7.69 4.10 -0.69
C ILE A 485 6.61 4.51 -1.70
N ARG A 486 6.23 3.59 -2.59
CA ARG A 486 5.09 3.78 -3.47
C ARG A 486 3.85 4.27 -2.74
N TYR A 487 3.63 3.84 -1.49
CA TYR A 487 2.42 4.22 -0.78
C TYR A 487 2.52 5.64 -0.22
N PHE A 488 3.72 6.05 0.19
CA PHE A 488 3.96 7.45 0.56
C PHE A 488 3.68 8.36 -0.64
N VAL A 489 4.28 8.05 -1.78
CA VAL A 489 4.02 8.79 -3.01
C VAL A 489 2.53 8.81 -3.34
N SER A 490 1.89 7.64 -3.29
CA SER A 490 0.46 7.53 -3.57
C SER A 490 -0.37 8.46 -2.69
N PHE A 491 -0.12 8.46 -1.38
CA PHE A 491 -0.96 9.25 -0.49
C PHE A 491 -0.79 10.74 -0.77
N ILE A 492 0.40 11.18 -1.19
CA ILE A 492 0.57 12.58 -1.57
C ILE A 492 -0.14 12.88 -2.89
N ILE A 493 0.17 12.09 -3.92
CA ILE A 493 -0.31 12.45 -5.25
C ILE A 493 -1.81 12.21 -5.41
N GLN A 494 -2.41 11.31 -4.63
CA GLN A 494 -3.85 11.09 -4.79
C GLN A 494 -4.64 12.36 -4.50
N PHE A 495 -4.15 13.19 -3.57
CA PHE A 495 -4.80 14.48 -3.32
C PHE A 495 -4.56 15.46 -4.45
N GLN A 496 -3.37 15.43 -5.06
CA GLN A 496 -3.14 16.27 -6.24
C GLN A 496 -4.09 15.88 -7.35
N PHE A 497 -4.29 14.57 -7.54
CA PHE A 497 -5.20 14.09 -8.57
C PHE A 497 -6.63 14.51 -8.26
N HIS A 498 -7.07 14.29 -7.02
CA HIS A 498 -8.40 14.70 -6.59
C HIS A 498 -8.63 16.19 -6.87
N GLU A 499 -7.70 17.04 -6.45
CA GLU A 499 -7.84 18.47 -6.68
C GLU A 499 -8.01 18.78 -8.16
N ALA A 500 -7.18 18.17 -9.01
CA ALA A 500 -7.22 18.46 -10.43
C ALA A 500 -8.51 17.94 -11.06
N LEU A 501 -8.96 16.75 -10.67
CA LEU A 501 -10.18 16.19 -11.24
C LEU A 501 -11.40 16.96 -10.79
N CYS A 502 -11.39 17.42 -9.55
CA CYS A 502 -12.47 18.26 -9.05
C CYS A 502 -12.56 19.57 -9.82
N GLN A 503 -11.41 20.19 -10.12
CA GLN A 503 -11.44 21.38 -10.95
C GLN A 503 -11.94 21.07 -12.35
N ALA A 504 -11.54 19.94 -12.92
CA ALA A 504 -11.98 19.57 -14.27
C ALA A 504 -13.48 19.33 -14.29
N ALA A 505 -14.05 18.85 -13.20
CA ALA A 505 -15.46 18.59 -13.05
C ALA A 505 -16.25 19.84 -12.71
N GLY A 506 -15.60 20.98 -12.51
CA GLY A 506 -16.32 22.20 -12.20
C GLY A 506 -16.71 22.39 -10.75
N HIS A 507 -16.18 21.58 -9.83
CA HIS A 507 -16.48 21.75 -8.42
C HIS A 507 -15.92 23.07 -7.93
N THR A 508 -16.69 23.75 -7.10
CA THR A 508 -16.25 24.94 -6.41
C THR A 508 -16.48 24.73 -4.92
N GLY A 509 -15.81 25.53 -4.12
CA GLY A 509 -15.89 25.38 -2.70
C GLY A 509 -14.80 24.47 -2.18
N PRO A 510 -14.88 24.13 -0.91
CA PRO A 510 -13.78 23.41 -0.26
C PRO A 510 -13.51 22.07 -0.94
N LEU A 511 -12.23 21.76 -1.08
CA LEU A 511 -11.84 20.55 -1.80
C LEU A 511 -12.46 19.30 -1.16
N HIS A 512 -12.52 19.24 0.17
CA HIS A 512 -13.02 18.04 0.81
C HIS A 512 -14.51 17.78 0.58
N LYS A 513 -15.26 18.72 -0.01
CA LYS A 513 -16.67 18.50 -0.33
C LYS A 513 -16.87 17.96 -1.74
N CYS A 514 -15.81 17.79 -2.51
CA CYS A 514 -15.92 17.36 -3.89
C CYS A 514 -16.24 15.88 -4.02
N ASP A 515 -17.14 15.57 -4.95
CA ASP A 515 -17.46 14.20 -5.34
C ASP A 515 -17.48 14.16 -6.86
N ILE A 516 -16.53 13.46 -7.47
CA ILE A 516 -16.40 13.48 -8.93
C ILE A 516 -17.29 12.46 -9.63
N TYR A 517 -18.16 11.77 -8.91
CA TYR A 517 -19.03 10.78 -9.53
C TYR A 517 -19.68 11.30 -10.81
N GLN A 518 -19.59 10.50 -11.87
CA GLN A 518 -20.21 10.75 -13.17
C GLN A 518 -19.47 11.79 -14.02
N SER A 519 -18.33 12.30 -13.60
CA SER A 519 -17.65 13.33 -14.38
C SER A 519 -16.85 12.71 -15.52
N LYS A 520 -17.29 12.94 -16.76
CA LYS A 520 -16.54 12.45 -17.91
C LYS A 520 -15.25 13.23 -18.12
N GLU A 521 -15.25 14.50 -17.76
CA GLU A 521 -14.03 15.31 -17.86
C GLU A 521 -12.96 14.76 -16.92
N ALA A 522 -13.36 14.36 -15.70
CA ALA A 522 -12.40 13.75 -14.79
C ALA A 522 -11.90 12.42 -15.33
N GLY A 523 -12.80 11.59 -15.86
CA GLY A 523 -12.37 10.32 -16.41
C GLY A 523 -11.36 10.47 -17.53
N GLN A 524 -11.56 11.48 -18.38
CA GLN A 524 -10.66 11.67 -19.52
C GLN A 524 -9.25 12.01 -19.08
N ARG A 525 -9.10 12.84 -18.04
CA ARG A 525 -7.76 13.15 -17.53
C ARG A 525 -7.05 11.88 -17.08
N LEU A 526 -7.74 11.06 -16.30
CA LEU A 526 -7.15 9.84 -15.80
C LEU A 526 -6.80 8.88 -16.93
N ALA A 527 -7.70 8.72 -17.91
CA ALA A 527 -7.47 7.77 -18.98
C ALA A 527 -6.26 8.14 -19.80
N THR A 528 -6.13 9.43 -20.17
CA THR A 528 -4.99 9.83 -20.99
C THR A 528 -3.68 9.52 -20.30
N ALA A 529 -3.61 9.75 -18.98
CA ALA A 529 -2.39 9.47 -18.23
C ALA A 529 -2.15 7.97 -18.10
N MET A 530 -3.19 7.21 -17.77
N MET A 530 -3.19 7.20 -17.80
CA MET A 530 -3.02 5.78 -17.56
CA MET A 530 -3.00 5.78 -17.56
C MET A 530 -2.59 5.07 -18.85
C MET A 530 -2.64 5.03 -18.85
N LYS A 531 -3.10 5.52 -20.00
CA LYS A 531 -2.75 4.91 -21.28
C LYS A 531 -1.27 5.01 -21.59
N LEU A 532 -0.54 5.93 -20.97
CA LEU A 532 0.90 6.03 -21.20
C LEU A 532 1.66 4.85 -20.58
N GLY A 533 1.09 4.18 -19.58
CA GLY A 533 1.83 3.17 -18.86
C GLY A 533 3.16 3.73 -18.40
N PHE A 534 4.23 2.97 -18.66
CA PHE A 534 5.61 3.34 -18.35
C PHE A 534 6.37 3.83 -19.58
N SER A 535 5.65 4.33 -20.59
CA SER A 535 6.30 4.72 -21.85
C SER A 535 7.02 6.08 -21.78
N ARG A 536 6.71 6.92 -20.80
CA ARG A 536 7.29 8.26 -20.70
C ARG A 536 7.70 8.51 -19.26
N PRO A 537 8.63 9.42 -19.02
CA PRO A 537 8.92 9.83 -17.65
C PRO A 537 7.66 10.26 -16.93
N TRP A 538 7.56 9.88 -15.63
CA TRP A 538 6.32 10.09 -14.90
C TRP A 538 5.87 11.55 -14.85
N PRO A 539 6.73 12.57 -14.89
CA PRO A 539 6.21 13.94 -14.92
C PRO A 539 5.27 14.22 -16.08
N GLU A 540 5.34 13.47 -17.17
CA GLU A 540 4.40 13.67 -18.26
C GLU A 540 2.98 13.24 -17.85
N ALA A 541 2.86 12.09 -17.19
CA ALA A 541 1.55 11.67 -16.69
C ALA A 541 1.04 12.63 -15.61
N MET A 542 1.94 13.11 -14.75
CA MET A 542 1.54 14.09 -13.75
C MET A 542 0.96 15.33 -14.41
N GLN A 543 1.61 15.79 -15.49
CA GLN A 543 1.15 16.95 -16.25
C GLN A 543 -0.22 16.72 -16.89
N LEU A 544 -0.44 15.55 -17.50
CA LEU A 544 -1.74 15.28 -18.10
C LEU A 544 -2.86 15.33 -17.07
N ILE A 545 -2.62 14.86 -15.84
CA ILE A 545 -3.70 14.87 -14.85
C ILE A 545 -3.86 16.25 -14.22
N THR A 546 -2.76 16.89 -13.83
CA THR A 546 -2.83 18.05 -12.94
C THR A 546 -2.48 19.38 -13.59
N GLY A 547 -1.99 19.40 -14.82
CA GLY A 547 -1.59 20.65 -15.42
C GLY A 547 -0.20 21.12 -15.06
N GLN A 548 0.56 20.33 -14.32
CA GLN A 548 1.93 20.68 -13.94
C GLN A 548 2.68 19.38 -13.65
N PRO A 549 4.01 19.41 -13.56
CA PRO A 549 4.78 18.16 -13.55
C PRO A 549 5.32 17.66 -12.21
N GLN A 550 5.14 18.38 -11.10
CA GLN A 550 5.78 18.00 -9.85
C GLN A 550 4.85 17.23 -8.92
N MET A 551 5.47 16.50 -8.01
CA MET A 551 4.80 16.03 -6.79
C MET A 551 4.76 17.18 -5.81
N SER A 552 3.63 17.33 -5.14
CA SER A 552 3.43 18.46 -4.26
C SER A 552 2.44 18.09 -3.17
N ALA A 553 2.74 18.47 -1.93
CA ALA A 553 1.82 18.31 -0.82
C ALA A 553 0.75 19.39 -0.75
N SER A 554 0.78 20.38 -1.63
N SER A 554 0.78 20.38 -1.64
CA SER A 554 -0.16 21.50 -1.49
CA SER A 554 -0.15 21.50 -1.52
C SER A 554 -1.62 21.03 -1.49
C SER A 554 -1.62 21.04 -1.49
N ALA A 555 -1.98 20.08 -2.36
CA ALA A 555 -3.36 19.63 -2.44
C ALA A 555 -3.82 18.95 -1.13
N MET A 556 -2.97 18.07 -0.58
CA MET A 556 -3.31 17.42 0.69
C MET A 556 -3.44 18.46 1.80
N LEU A 557 -2.56 19.45 1.81
CA LEU A 557 -2.64 20.50 2.83
C LEU A 557 -3.92 21.31 2.67
N SER A 558 -4.31 21.61 1.42
N SER A 558 -4.32 21.60 1.42
CA SER A 558 -5.54 22.35 1.18
CA SER A 558 -5.54 22.35 1.18
C SER A 558 -6.75 21.54 1.65
C SER A 558 -6.78 21.56 1.58
N TYR A 559 -6.79 20.25 1.31
CA TYR A 559 -7.90 19.42 1.73
C TYR A 559 -8.10 19.51 3.23
N PHE A 560 -7.02 19.44 4.01
CA PHE A 560 -7.10 19.36 5.46
C PHE A 560 -6.95 20.69 6.17
N LYS A 561 -6.84 21.80 5.45
CA LYS A 561 -6.65 23.11 6.09
C LYS A 561 -7.67 23.39 7.19
N PRO A 562 -8.98 23.20 6.99
CA PRO A 562 -9.92 23.46 8.10
C PRO A 562 -9.65 22.62 9.33
N LEU A 563 -9.17 21.40 9.15
CA LEU A 563 -8.84 20.56 10.29
C LEU A 563 -7.56 21.02 10.98
N LEU A 564 -6.54 21.42 10.20
CA LEU A 564 -5.34 22.00 10.80
C LEU A 564 -5.72 23.17 11.71
N ASP A 565 -6.59 24.05 11.24
CA ASP A 565 -7.02 25.19 12.05
C ASP A 565 -7.74 24.72 13.31
N TRP A 566 -8.66 23.78 13.17
CA TRP A 566 -9.39 23.27 14.34
C TRP A 566 -8.45 22.61 15.33
N LEU A 567 -7.50 21.79 14.84
CA LEU A 567 -6.58 21.09 15.73
C LEU A 567 -5.68 22.07 16.48
N ARG A 568 -5.18 23.09 15.79
CA ARG A 568 -4.30 24.02 16.47
C ARG A 568 -5.04 24.73 17.60
N THR A 569 -6.29 25.12 17.36
CA THR A 569 -7.07 25.78 18.40
C THR A 569 -7.33 24.82 19.57
N GLU A 570 -7.70 23.59 19.26
CA GLU A 570 -8.02 22.60 20.28
C GLU A 570 -6.79 22.24 21.10
N ASN A 571 -5.65 21.99 20.43
CA ASN A 571 -4.44 21.61 21.14
C ASN A 571 -3.93 22.76 22.00
N GLU A 572 -4.03 23.99 21.50
CA GLU A 572 -3.60 25.15 22.27
C GLU A 572 -4.42 25.31 23.54
N LEU A 573 -5.74 25.11 23.43
CA LEU A 573 -6.67 25.20 24.54
C LEU A 573 -6.26 24.26 25.68
N HIS A 574 -5.79 23.07 25.34
CA HIS A 574 -5.43 22.06 26.32
C HIS A 574 -3.97 22.09 26.69
N GLY A 575 -3.18 22.96 26.09
CA GLY A 575 -1.79 23.10 26.42
C GLY A 575 -0.92 21.95 25.95
N GLU A 576 -1.24 21.35 24.81
CA GLU A 576 -0.47 20.19 24.36
C GLU A 576 0.95 20.61 24.00
N LYS A 577 1.89 19.73 24.28
CA LYS A 577 3.27 19.88 23.82
C LYS A 577 3.40 18.99 22.59
N LEU A 578 3.43 19.60 21.41
CA LEU A 578 3.54 18.83 20.18
C LEU A 578 4.85 18.05 20.15
N GLY A 579 4.80 16.88 19.55
CA GLY A 579 5.95 16.03 19.51
C GLY A 579 6.06 15.21 20.78
N TRP A 580 7.24 14.62 20.93
CA TRP A 580 7.49 13.69 22.02
C TRP A 580 8.86 14.03 22.56
N PRO A 581 8.97 15.22 23.15
CA PRO A 581 10.25 15.61 23.73
C PRO A 581 10.72 14.64 24.79
N GLN A 582 9.81 13.96 25.48
CA GLN A 582 10.16 12.83 26.35
C GLN A 582 10.24 11.55 25.53
N TYR A 583 11.21 11.54 24.60
CA TYR A 583 11.23 10.53 23.56
C TYR A 583 11.65 9.16 24.07
N ASN A 584 12.29 9.10 25.24
CA ASN A 584 12.71 7.83 25.83
C ASN A 584 11.63 7.18 26.67
N TRP A 585 10.47 7.80 26.81
CA TRP A 585 9.41 7.23 27.62
C TRP A 585 8.90 5.94 26.98
N THR A 586 8.70 4.93 27.80
CA THR A 586 7.98 3.72 27.41
C THR A 586 7.09 3.29 28.56
N PRO A 587 6.09 2.45 28.29
CA PRO A 587 5.11 2.08 29.32
C PRO A 587 5.76 1.45 30.54
N ASN A 588 5.27 1.84 31.72
CA ASN A 588 5.76 1.25 32.95
C ASN A 588 5.15 -0.13 33.19
N SER A 589 3.92 -0.35 32.75
CA SER A 589 3.22 -1.62 32.97
C SER A 589 2.29 -1.90 31.79
C1 NAG B . -5.75 -26.94 -4.63
C2 NAG B . -6.88 -27.27 -5.62
C3 NAG B . -6.97 -28.79 -5.84
C4 NAG B . -5.62 -29.37 -6.21
C5 NAG B . -4.60 -28.98 -5.16
C6 NAG B . -3.19 -29.44 -5.48
C7 NAG B . -8.75 -25.70 -5.72
C8 NAG B . -10.06 -25.27 -5.13
N2 NAG B . -8.15 -26.74 -5.16
O3 NAG B . -7.91 -29.05 -6.88
O4 NAG B . -5.67 -30.79 -6.31
O5 NAG B . -4.54 -27.55 -5.05
O6 NAG B . -2.75 -28.88 -6.71
O7 NAG B . -8.26 -25.11 -6.70
H2 NAG B . -6.65 -26.87 -6.48
H3 NAG B . -7.28 -29.22 -5.02
H4 NAG B . -5.35 -29.01 -7.08
H5 NAG B . -4.86 -29.36 -4.30
H61 NAG B . -3.20 -30.42 -5.56
H62 NAG B . -2.59 -29.18 -4.77
H81 NAG B . -10.33 -24.42 -5.51
H82 NAG B . -9.94 -25.17 -4.16
H83 NAG B . -10.73 -25.95 -5.31
HN2 NAG B . -8.56 -27.14 -4.45
HO3 NAG B . -7.57 -29.62 -7.46
HO6 NAG B . -3.08 -28.07 -6.80
C1 NAG B . -5.25 -31.23 -7.63
C2 NAG B . -4.84 -32.71 -7.60
C3 NAG B . -4.48 -33.21 -8.99
C4 NAG B . -5.55 -32.85 -10.01
C5 NAG B . -5.89 -31.36 -9.93
C6 NAG B . -7.03 -30.96 -10.81
C7 NAG B . -3.92 -33.31 -5.41
C8 NAG B . -2.66 -33.49 -4.61
N2 NAG B . -3.75 -32.94 -6.68
O3 NAG B . -4.32 -34.62 -8.97
O4 NAG B . -5.09 -33.14 -11.33
O5 NAG B . -6.28 -31.03 -8.58
O6 NAG B . -8.21 -30.72 -10.07
O7 NAG B . -5.04 -33.47 -4.92
H2 NAG B . -5.63 -33.22 -7.30
H3 NAG B . -3.64 -32.79 -9.26
H4 NAG B . -6.36 -33.36 -9.82
H5 NAG B . -5.10 -30.84 -10.17
H61 NAG B . -7.21 -31.67 -11.46
H62 NAG B . -6.80 -30.14 -11.30
H81 NAG B . -2.89 -33.82 -3.71
H82 NAG B . -2.19 -32.65 -4.54
H83 NAG B . -2.09 -34.15 -5.05
HN2 NAG B . -2.90 -32.82 -6.99
HO3 NAG B . -4.54 -34.96 -9.77
HO4 NAG B . -5.56 -33.82 -11.66
HO6 NAG B . -8.02 -30.74 -9.20
C1 NAG C . 9.68 4.78 -32.00
C2 NAG C . 8.85 5.72 -32.86
C3 NAG C . 7.38 5.73 -32.39
C4 NAG C . 6.85 4.30 -32.23
C5 NAG C . 7.82 3.44 -31.44
C6 NAG C . 7.41 1.99 -31.38
C7 NAG C . 9.68 7.77 -33.93
C8 NAG C . 10.23 9.14 -33.69
N2 NAG C . 9.39 7.08 -32.84
O3 NAG C . 6.61 6.45 -33.34
O4 NAG C . 5.64 4.36 -31.51
O5 NAG C . 9.13 3.49 -32.03
O6 NAG C . 7.00 1.54 -32.66
O7 NAG C . 9.52 7.32 -35.06
H2 NAG C . 8.86 5.39 -33.78
H3 NAG C . 7.34 6.17 -31.53
H4 NAG C . 6.71 3.92 -33.12
H5 NAG C . 7.88 3.80 -30.53
H61 NAG C . 6.67 1.89 -30.75
H62 NAG C . 8.17 1.46 -31.08
H81 NAG C . 10.35 9.60 -34.55
H82 NAG C . 11.09 9.08 -33.24
H83 NAG C . 9.61 9.66 -33.14
HN2 NAG C . 9.54 7.45 -32.02
HO3 NAG C . 5.74 6.36 -33.14
C1 NAG C . 4.48 3.95 -32.24
C2 NAG C . 3.35 3.76 -31.23
C3 NAG C . 2.03 3.43 -31.94
C4 NAG C . 1.74 4.42 -33.05
C5 NAG C . 2.96 4.52 -33.97
C6 NAG C . 2.79 5.53 -35.08
C7 NAG C . 4.23 2.97 -29.08
C8 NAG C . 4.52 1.76 -28.24
N2 NAG C . 3.69 2.72 -30.28
O3 NAG C . 0.98 3.45 -30.98
O4 NAG C . 0.62 3.99 -33.83
O5 NAG C . 4.10 4.91 -33.21
O6 NAG C . 2.23 6.75 -34.59
O7 NAG C . 4.47 4.10 -28.68
H2 NAG C . 3.22 4.62 -30.75
H3 NAG C . 2.10 2.54 -32.32
H4 NAG C . 1.53 5.29 -32.65
H5 NAG C . 3.11 3.64 -34.37
H61 NAG C . 2.20 5.16 -35.77
H62 NAG C . 3.66 5.72 -35.47
H81 NAG C . 4.92 2.03 -27.39
H82 NAG C . 5.14 1.17 -28.71
H83 NAG C . 3.69 1.28 -28.06
HN2 NAG C . 3.52 1.85 -30.50
HO3 NAG C . 0.34 2.89 -31.22
HO6 NAG C . 1.99 7.26 -35.29
C1 BMA C . -0.70 4.28 -33.32
C2 BMA C . -1.52 5.07 -34.39
C3 BMA C . -3.03 5.14 -34.03
C4 BMA C . -3.56 3.76 -33.66
C5 BMA C . -2.73 3.19 -32.48
C6 BMA C . -3.19 1.83 -31.99
O2 BMA C . -1.45 4.42 -35.67
O3 BMA C . -3.83 5.72 -35.08
O4 BMA C . -4.94 3.85 -33.30
O5 BMA C . -1.34 3.06 -32.92
O6 BMA C . -2.17 1.27 -31.16
H2 BMA C . -1.11 6.09 -34.43
H3 BMA C . -3.16 5.82 -33.18
H4 BMA C . -3.43 3.07 -34.52
H5 BMA C . -2.80 3.90 -31.63
H61 BMA C . -3.39 1.19 -32.87
H62 BMA C . -4.14 1.95 -31.44
HO2 BMA C . -0.67 3.85 -35.63
HO3 BMA C . -3.43 5.44 -35.90
HO4 BMA C . -5.32 4.49 -33.91
HO6 BMA C . -1.32 1.59 -31.47
C1 FUC C . 6.26 0.32 -32.55
C2 FUC C . 5.81 -0.06 -33.97
C3 FUC C . 7.02 -0.35 -34.84
C4 FUC C . 7.85 -1.45 -34.18
C5 FUC C . 8.23 -1.03 -32.75
C6 FUC C . 8.94 -2.12 -31.97
O2 FUC C . 5.00 0.94 -34.58
O3 FUC C . 6.60 -0.82 -36.12
O4 FUC C . 7.09 -2.67 -34.14
O5 FUC C . 7.07 -0.69 -31.98
H2 FUC C . 5.19 -0.95 -33.91
H3 FUC C . 7.65 0.55 -34.95
H4 FUC C . 8.78 -1.59 -34.75
H5 FUC C . 8.89 -0.15 -32.83
H61 FUC C . 9.05 -1.82 -30.92
H62 FUC C . 9.93 -2.30 -32.40
H63 FUC C . 8.35 -3.05 -32.01
HO2 FUC C . 5.28 0.99 -35.50
HO3 FUC C . 7.07 -1.65 -36.28
HO4 FUC C . 7.69 -3.35 -34.47
ZN ZN D . -2.12 -1.76 -4.49
CL CL E . 5.86 -3.11 14.59
CL CL F . 8.17 1.80 -4.86
C1 FT8 G . -3.17 -0.33 0.56
C10 FT8 G . -1.06 -1.43 3.22
C11 FT8 G . -1.63 -3.67 -2.16
C12 FT8 G . -1.24 -4.72 -3.16
C13 FT8 G . 0.27 -4.79 -3.22
C14 FT8 G . 0.67 -6.12 -3.86
C15 FT8 G . 0.73 -7.29 -3.13
C16 FT8 G . 1.06 -8.48 -3.74
C17 FT8 G . 1.33 -8.49 -5.08
C18 FT8 G . 1.26 -7.32 -5.82
C19 FT8 G . 0.92 -6.13 -5.21
C2 FT8 G . -1.91 -2.52 0.56
C3 FT8 G . -3.03 -3.01 -0.30
C4 FT8 G . -4.21 -3.54 0.51
C5 FT8 G . -4.60 -2.65 1.69
C6 FT8 G . -3.00 1.16 0.90
C7 FT8 G . -2.39 1.34 2.23
C8 FT8 G . -1.01 0.81 2.22
C9 FT8 G . -0.97 -0.69 1.91
N1 FT8 G . -2.03 -1.18 1.00
N2 FT8 G . -2.57 -4.05 -1.17
O1 FT8 G . 0.00 -1.60 3.88
O2 FT8 G . -2.14 -1.87 3.67
O3 FT8 G . -1.01 -3.19 0.92
O4 FT8 G . -1.23 -2.54 -2.19
S1 FT8 G . -4.77 -0.89 1.27
S2 FT8 G . -2.09 -4.10 -4.67
H1 FT8 G . -3.23 -0.38 -0.41
H2 FT8 G . -1.51 -5.63 -2.97
H3 FT8 G . 0.62 -4.06 -3.75
H4 FT8 G . 0.65 -4.74 -2.32
H5 FT8 G . 0.55 -7.27 -2.22
H6 FT8 G . 1.12 -9.27 -3.24
H7 FT8 G . 1.56 -9.28 -5.50
H8 FT8 G . 1.43 -7.34 -6.73
H9 FT8 G . 0.89 -5.34 -5.71
H10 FT8 G . -3.32 -2.27 -0.86
H11 FT8 G . -3.99 -4.42 0.84
H12 FT8 G . -4.98 -3.62 -0.09
H13 FT8 G . -3.92 -2.74 2.37
H14 FT8 G . -5.45 -2.97 2.05
H15 FT8 G . -3.87 1.59 0.88
H16 FT8 G . -2.43 1.56 0.23
H17 FT8 G . -2.92 0.88 2.90
H18 FT8 G . -2.37 2.29 2.46
H19 FT8 G . -0.58 1.24 1.46
H20 FT8 G . -0.69 0.89 3.13
H21 FT8 G . -0.12 -0.85 1.46
H22 FT8 G . -2.84 -4.86 -1.10
H24 FT8 G . -3.27 -4.03 -4.46
C1 FT8 H . 11.90 -2.98 -9.86
C1 FT8 H . 12.11 -3.10 -9.75
C10 FT8 H . 13.32 -5.95 -10.34
C10 FT8 H . 13.35 -5.97 -10.09
C11 FT8 H . 6.84 -4.38 -8.57
C11 FT8 H . 7.05 -4.46 -8.55
C12 FT8 H . 5.47 -5.03 -8.71
C12 FT8 H . 5.74 -5.21 -8.70
C13 FT8 H . 4.47 -4.01 -9.23
C13 FT8 H . 4.89 -4.51 -9.76
C14 FT8 H . 4.27 -4.06 -10.74
C14 FT8 H . 5.65 -4.50 -11.09
C15 FT8 H . 5.36 -4.21 -11.59
C15 FT8 H . 5.65 -5.62 -11.90
C16 FT8 H . 5.16 -4.25 -12.97
C16 FT8 H . 6.35 -5.62 -13.10
C17 FT8 H . 3.88 -4.13 -13.49
C17 FT8 H . 7.06 -4.49 -13.48
C18 FT8 H . 2.80 -3.97 -12.64
C18 FT8 H . 7.07 -3.37 -12.66
C19 FT8 H . 3.00 -3.93 -11.27
C19 FT8 H . 6.37 -3.38 -11.46
C2 FT8 H . 10.30 -5.00 -10.04
C2 FT8 H . 10.41 -5.04 -10.07
C3 FT8 H . 9.31 -4.32 -9.11
C3 FT8 H . 9.49 -4.33 -9.11
C4 FT8 H . 9.77 -4.48 -7.65
C4 FT8 H . 10.05 -4.59 -7.69
C5 FT8 H . 10.62 -3.35 -7.12
C5 FT8 H . 11.08 -3.58 -7.13
C6 FT8 H . 13.12 -2.25 -10.46
C6 FT8 H . 13.17 -2.28 -10.51
C7 FT8 H . 14.16 -3.10 -11.04
C7 FT8 H . 14.26 -3.11 -11.07
C8 FT8 H . 13.60 -4.10 -11.97
C8 FT8 H . 13.77 -4.24 -11.89
C9 FT8 H . 12.59 -5.02 -11.28
C9 FT8 H . 12.73 -5.10 -11.19
N1 FT8 H . 11.56 -4.35 -10.40
N1 FT8 H . 11.69 -4.42 -10.37
N2 FT8 H . 8.00 -4.95 -9.25
N2 FT8 H . 8.21 -5.01 -9.21
O1 FT8 H . 12.65 -6.74 -9.62
O1 FT8 H . 12.63 -6.38 -9.13
O2 FT8 H . 14.57 -5.93 -10.26
O2 FT8 H . 14.57 -6.28 -10.10
O3 FT8 H . 10.04 -6.08 -10.47
O3 FT8 H . 10.12 -6.09 -10.54
O4 FT8 H . 6.97 -3.41 -7.90
O4 FT8 H . 7.14 -3.46 -7.93
S1 FT8 H . 12.16 -3.05 -8.04
S1 FT8 H . 12.65 -3.41 -8.04
S2 FT8 H . 4.89 -5.59 -7.08
S2 FT8 H . 4.91 -5.25 -7.09
H1 FT8 H . 11.16 -2.41 -10.10
H1 FT8 H . 11.36 -2.49 -9.79
H2 FT8 H . 5.55 -5.79 -9.32
H2 FT8 H . 5.87 -6.13 -8.98
H3 FT8 H . 3.62 -4.17 -8.79
H3 FT8 H . 4.05 -4.98 -9.88
H4 FT8 H . 4.79 -3.12 -8.98
H4 FT8 H . 4.70 -3.60 -9.48
H5 FT8 H . 6.22 -4.29 -11.25
H5 FT8 H . 5.17 -6.38 -11.65
H6 FT8 H . 5.89 -4.37 -13.54
H6 FT8 H . 6.34 -6.37 -13.65
H7 FT8 H . 3.75 -4.16 -14.41
H7 FT8 H . 7.54 -4.49 -14.28
H8 FT8 H . 1.94 -3.89 -12.99
H8 FT8 H . 7.55 -2.62 -12.91
H9 FT8 H . 2.27 -3.82 -10.69
H9 FT8 H . 6.38 -2.62 -10.92
H10 FT8 H . 9.23 -3.38 -9.35
H10 FT8 H . 9.36 -3.39 -9.29
H11 FT8 H . 10.28 -5.31 -7.59
H11 FT8 H . 10.47 -5.45 -7.69
H12 FT8 H . 8.98 -4.56 -7.09
H12 FT8 H . 9.30 -4.59 -7.08
H13 FT8 H . 10.85 -3.54 -6.19
H13 FT8 H . 11.29 -3.86 -6.22
H14 FT8 H . 10.10 -2.54 -7.14
H14 FT8 H . 10.65 -2.71 -7.11
H15 FT8 H . 13.52 -1.71 -9.75
H15 FT8 H . 13.56 -1.64 -9.89
H16 FT8 H . 12.79 -1.65 -11.15
H16 FT8 H . 12.74 -1.81 -11.23
H17 FT8 H . 14.63 -3.56 -10.32
H17 FT8 H . 14.78 -3.46 -10.33
H18 FT8 H . 14.78 -2.54 -11.53
H18 FT8 H . 14.82 -2.54 -11.62
H19 FT8 H . 13.10 -3.61 -12.62
H19 FT8 H . 13.30 -3.82 -12.63
H20 FT8 H . 14.35 -4.68 -12.21
H20 FT8 H . 14.54 -4.81 -12.01
H21 FT8 H . 12.14 -5.47 -12.02
H21 FT8 H . 12.37 -5.58 -11.95
H22 FT8 H . 7.91 -5.65 -9.74
H22 FT8 H . 8.15 -5.74 -9.67
C1 FT8 I . 9.25 -11.87 -10.45
C10 FT8 I . 11.32 -13.16 -8.14
C11 FT8 I . 6.47 -8.61 -7.30
C12 FT8 I . 5.94 -8.06 -5.98
C13 FT8 I . 4.44 -8.36 -5.95
C14 FT8 I . 4.13 -9.81 -5.53
C15 FT8 I . 4.56 -10.29 -4.30
C16 FT8 I . 4.25 -11.58 -3.92
C17 FT8 I . 3.51 -12.39 -4.76
C18 FT8 I . 3.07 -11.90 -5.99
C19 FT8 I . 3.38 -10.62 -6.38
C2 FT8 I . 8.84 -11.26 -7.97
C3 FT8 I . 8.30 -9.92 -8.41
C4 FT8 I . 9.41 -8.95 -8.82
C5 FT8 I . 9.88 -9.01 -10.29
C6 FT8 I . 9.40 -13.01 -11.46
C7 FT8 I . 10.39 -14.00 -11.04
C8 FT8 I . 10.04 -14.58 -9.73
C9 FT8 I . 9.93 -13.54 -8.62
N1 FT8 I . 9.31 -12.22 -8.98
N2 FT8 I . 7.69 -9.35 -7.22
O1 FT8 I . 11.43 -12.45 -7.09
O2 FT8 I . 12.38 -13.49 -8.76
O3 FT8 I . 8.90 -11.53 -6.81
O4 FT8 I . 5.91 -8.45 -8.33
S1 FT8 I . 10.53 -10.62 -10.82
S2 FT8 I . 6.34 -6.28 -5.89
H1 FT8 I . 8.35 -11.54 -10.63
H2 FT8 I . 6.35 -8.47 -5.20
H3 FT8 I . 4.02 -7.76 -5.32
H4 FT8 I . 4.07 -8.20 -6.83
H5 FT8 I . 5.05 -9.74 -3.75
H6 FT8 I . 4.55 -11.90 -3.10
H7 FT8 I . 3.30 -13.26 -4.50
H8 FT8 I . 2.56 -12.45 -6.55
H9 FT8 I . 3.09 -10.30 -7.20
H10 FT8 I . 7.67 -10.03 -9.14
H11 FT8 I . 10.19 -9.14 -8.27
H12 FT8 I . 9.10 -8.06 -8.65
H13 FT8 I . 10.58 -8.34 -10.40
H14 FT8 I . 9.13 -8.78 -10.85
H15 FT8 I . 9.67 -12.64 -12.32
H16 FT8 I . 8.55 -13.45 -11.56
H17 FT8 I . 11.27 -13.57 -10.98
H18 FT8 I . 10.44 -14.71 -11.71
H19 FT8 I . 9.15 -14.93 -9.85
H20 FT8 I . 10.79 -15.14 -9.49
H21 FT8 I . 9.39 -13.98 -7.95
H22 FT8 I . 8.07 -9.46 -6.45
N1 IMD J . 8.09 -11.36 23.68
C2 IMD J . 8.78 -11.04 22.55
N3 IMD J . 9.21 -9.76 22.66
C4 IMD J . 8.82 -9.27 23.83
C5 IMD J . 8.10 -10.27 24.49
HN1 IMD J . 7.67 -12.21 23.87
H2 IMD J . 8.92 -11.63 21.78
HN3 IMD J . 9.74 -9.27 21.99
H4 IMD J . 8.99 -8.37 24.18
H5 IMD J . 7.69 -10.20 25.38
B BO3 K . -6.41 3.51 1.79
O1 BO3 K . -6.61 4.75 2.30
O2 BO3 K . -5.63 3.37 0.70
O3 BO3 K . -6.66 2.40 2.49
HO1 BO3 K . -6.57 4.71 3.14
HO2 BO3 K . -6.01 2.84 0.16
HO3 BO3 K . -6.01 2.25 3.02
B BO3 L . -18.40 11.78 9.56
O1 BO3 L . -18.92 12.88 10.09
O2 BO3 L . -19.14 11.21 8.60
O3 BO3 L . -17.39 11.10 10.16
HO1 BO3 L . -18.88 13.51 9.52
HO2 BO3 L . -18.66 11.08 7.92
HO3 BO3 L . -17.63 10.88 10.96
B BO3 M . -14.76 24.70 12.75
O1 BO3 M . -15.69 24.34 13.67
O2 BO3 M . -15.05 24.65 11.43
O3 BO3 M . -13.53 25.06 13.15
HO1 BO3 M . -16.03 25.03 14.02
HO2 BO3 M . -15.65 24.06 11.30
HO3 BO3 M . -13.03 24.37 13.16
O1 P6G N . -13.28 6.37 6.05
C2 P6G N . -13.96 6.92 4.95
C3 P6G N . -14.79 8.12 5.42
O4 P6G N . -15.75 7.67 6.34
C5 P6G N . -16.72 8.66 6.65
C6 P6G N . -17.73 8.06 7.60
O7 P6G N . -17.13 7.77 8.83
C8 P6G N . -18.06 7.40 9.83
C9 P6G N . -17.28 7.02 11.10
O10 P6G N . -16.54 5.85 10.91
C11 P6G N . -15.85 5.45 12.08
C12 P6G N . -15.25 4.05 11.91
O13 P6G N . -16.28 3.12 11.94
C14 P6G N . -15.83 1.79 11.97
C15 P6G N . -17.04 0.86 12.09
O16 P6G N . -17.70 1.08 13.32
C17 P6G N . -18.34 -0.06 13.86
C18 P6G N . -18.73 0.20 15.32
O19 P6G N . -17.59 0.30 16.13
H1 P6G N . -13.10 5.55 5.89
H21 P6G N . -13.32 7.21 4.28
H22 P6G N . -14.55 6.26 4.56
H31 P6G N . -14.21 8.76 5.84
H32 P6G N . -15.23 8.53 4.65
H51 P6G N . -16.29 9.42 7.07
H52 P6G N . -17.15 8.95 5.83
H61 P6G N . -18.45 8.69 7.74
H62 P6G N . -18.10 7.25 7.22
H81 P6G N . -18.65 8.13 10.02
H82 P6G N . -18.57 6.64 9.53
H91 P6G N . -16.68 7.75 11.33
H92 P6G N . -17.92 6.88 11.82
H111 P6G N . -16.48 5.44 12.83
H112 P6G N . -15.15 6.09 12.26
H121 P6G N . -14.80 4.00 11.05
H122 P6G N . -14.62 3.88 12.62
H141 P6G N . -15.34 1.58 11.16
H142 P6G N . -15.25 1.66 12.74
H151 P6G N . -17.66 1.04 11.35
H152 P6G N . -16.75 -0.07 12.04
H171 P6G N . -19.15 -0.25 13.35
H172 P6G N . -17.74 -0.82 13.82
H181 P6G N . -19.23 1.03 15.37
H182 P6G N . -19.28 -0.53 15.63
H19 P6G N . -17.66 -0.22 16.79
C1 EDO O . 1.00 -21.08 13.59
O1 EDO O . 1.55 -19.76 13.46
C2 EDO O . -0.01 -21.36 12.48
O2 EDO O . 0.59 -22.11 11.42
H11 EDO O . 1.80 -21.81 13.54
H12 EDO O . 0.51 -21.17 14.56
HO1 EDO O . 2.50 -19.82 13.33
H21 EDO O . -0.86 -21.91 12.89
H22 EDO O . -0.41 -20.41 12.09
HO2 EDO O . -0.07 -22.29 10.73
C1 EDO P . 17.67 -5.13 -9.47
O1 EDO P . 16.75 -4.62 -10.42
C2 EDO P . 18.42 -6.24 -10.16
O2 EDO P . 18.53 -7.29 -9.24
H11 EDO P . 18.36 -4.35 -9.14
H12 EDO P . 17.15 -5.51 -8.59
HO1 EDO P . 15.90 -5.05 -10.29
H21 EDO P . 17.87 -6.56 -11.05
H22 EDO P . 19.40 -5.90 -10.48
HO2 EDO P . 18.75 -6.93 -8.36
C1 EDO Q . 2.74 -25.25 1.60
O1 EDO Q . 2.86 -26.46 2.35
C2 EDO Q . 4.12 -24.86 1.11
O2 EDO Q . 4.93 -24.51 2.24
H11 EDO Q . 2.06 -25.40 0.76
H12 EDO Q . 2.32 -24.46 2.22
HO1 EDO Q . 3.15 -26.24 3.26
H21 EDO Q . 4.58 -25.70 0.56
H22 EDO Q . 4.05 -24.02 0.42
HO2 EDO Q . 5.80 -24.23 1.93
C1 EDO R . 6.42 -22.82 6.55
O1 EDO R . 5.17 -22.15 6.67
C2 EDO R . 7.27 -22.21 5.43
O2 EDO R . 6.88 -22.76 4.16
H11 EDO R . 6.97 -22.74 7.50
H12 EDO R . 6.26 -23.89 6.35
HO1 EDO R . 4.66 -22.54 7.40
H21 EDO R . 7.14 -21.13 5.42
H22 EDO R . 8.33 -22.43 5.61
HO2 EDO R . 7.45 -22.39 3.47
C1 EDO S . -6.36 29.51 17.85
O1 EDO S . -7.71 29.98 17.69
C2 EDO S . -5.60 29.62 16.52
O2 EDO S . -4.54 28.66 16.49
H11 EDO S . -5.86 30.10 18.61
H12 EDO S . -6.36 28.47 18.18
HO1 EDO S . -8.15 29.99 18.55
H21 EDO S . -6.28 29.43 15.68
H22 EDO S . -5.20 30.63 16.41
HO2 EDO S . -4.09 28.69 15.63
C1 EDO T . -0.36 -3.86 -8.94
O1 EDO T . 0.55 -2.90 -8.38
C2 EDO T . 0.45 -4.59 -9.99
O2 EDO T . 1.12 -3.58 -10.75
H11 EDO T . -0.72 -4.54 -8.17
H12 EDO T . -1.23 -3.36 -9.37
HO1 EDO T . 0.12 -2.42 -7.66
H21 EDO T . 1.16 -5.27 -9.53
H22 EDO T . -0.21 -5.18 -10.64
HO2 EDO T . 1.82 -3.19 -10.21
#